data_8SFU
#
_entry.id   8SFU
#
_cell.length_a   47.482
_cell.length_b   115.677
_cell.length_c   165.693
_cell.angle_alpha   90.000
_cell.angle_beta   90.000
_cell.angle_gamma   90.000
#
_symmetry.space_group_name_H-M   'P 21 21 21'
#
loop_
_entity.id
_entity.type
_entity.pdbx_description
1 polymer 'UDP-glycosyltransferase 202A2'
2 non-polymer "URIDINE-5'-DIPHOSPHATE"
3 non-polymer '(2S)-5-hydroxy-2-(4-hydroxyphenyl)-4-oxo-3,4-dihydro-2H-1-benzopyran-7-yl 2-O-(6-deoxy-alpha-L-mannopyranosyl)-beta-D-glucopyranoside'
4 water water
#
_entity_poly.entity_id   1
_entity_poly.type   'polypeptide(L)'
_entity_poly.pdbx_seq_one_letter_code
;MNPETMNENGKSLKILFTALFGPGHLNACLGIGSLLRKRGHQIYFAHFPRHRATIEKHGFLFISLLDYAEPEFPIVDMLP
DIGIIAKFAFERMHKLTPLELFRHASGKHTFAGMVNGSKGENYAMMKIVKEYKPDVCLADYLFNMPWMFTVDCPVIPVKS
VNPIELYNGPPALTGCSIHDPPSVREEIEQLARKSELELESELEKLFAHFNVPLVSYNYAQQLGIYIYPGPLDYKELGSP
KENWVRLDSSIRSTEISNFELPEKLKDKPGKLIYVSMGSLASAVTELLTMILTPLANSPHRFIVSTGPNGDSIKLYDNMW
GDKFINQVALLPKVDLFITHGGSNSLIEGLTAGKPLIAIPQFGDQLDNAQRIADLGLGVRLNLHEFSGEKLLKAIEDVLN
DEKINANVARVSEELKKSDSKDKVISLIEKLARDKKL
;
_entity_poly.pdbx_strand_id   A,B
#
# COMPACT_ATOMS: atom_id res chain seq x y z
N LYS A 11 -33.10 16.08 -15.50
CA LYS A 11 -32.60 14.83 -16.16
C LYS A 11 -31.38 14.29 -15.38
N SER A 12 -30.35 15.10 -15.05
CA SER A 12 -29.17 14.67 -14.23
C SER A 12 -29.64 14.40 -12.79
N LEU A 13 -29.46 13.18 -12.27
CA LEU A 13 -29.93 12.81 -10.90
C LEU A 13 -28.78 12.94 -9.90
N LYS A 14 -29.09 13.13 -8.63
CA LYS A 14 -28.12 13.04 -7.51
C LYS A 14 -28.30 11.63 -6.93
N ILE A 15 -27.27 10.83 -6.97
CA ILE A 15 -27.29 9.40 -6.55
C ILE A 15 -26.25 9.17 -5.47
N LEU A 16 -26.69 8.67 -4.32
CA LEU A 16 -25.85 8.54 -3.09
C LEU A 16 -25.69 7.05 -2.80
N PHE A 17 -24.44 6.64 -2.63
CA PHE A 17 -24.09 5.25 -2.27
C PHE A 17 -23.55 5.21 -0.84
N THR A 18 -23.68 4.05 -0.19
CA THR A 18 -22.89 3.76 1.03
C THR A 18 -22.80 2.26 1.14
N ALA A 19 -21.95 1.81 2.03
CA ALA A 19 -21.71 0.36 2.15
C ALA A 19 -21.14 0.03 3.54
N LEU A 20 -21.20 -1.25 3.89
CA LEU A 20 -20.48 -1.85 5.02
C LEU A 20 -18.96 -1.62 4.90
N PHE A 21 -18.21 -1.90 5.97
CA PHE A 21 -16.72 -1.73 6.05
C PHE A 21 -15.93 -2.63 5.10
N GLY A 22 -16.45 -3.75 4.61
CA GLY A 22 -15.61 -4.61 3.75
C GLY A 22 -15.22 -3.96 2.43
N PRO A 23 -13.93 -3.96 2.01
CA PRO A 23 -13.54 -3.43 0.70
C PRO A 23 -14.36 -4.14 -0.40
N GLY A 24 -14.63 -5.43 -0.23
CA GLY A 24 -15.51 -6.17 -1.16
C GLY A 24 -16.87 -5.48 -1.35
N HIS A 25 -17.46 -4.94 -0.27
CA HIS A 25 -18.81 -4.26 -0.31
C HIS A 25 -18.77 -2.93 -1.09
N LEU A 26 -17.60 -2.42 -1.39
CA LEU A 26 -17.45 -1.22 -2.27
C LEU A 26 -17.67 -1.54 -3.74
N ASN A 27 -17.32 -2.74 -4.29
CA ASN A 27 -17.09 -2.87 -5.75
C ASN A 27 -18.36 -2.72 -6.60
N ALA A 28 -19.44 -3.38 -6.19
CA ALA A 28 -20.69 -3.35 -6.96
C ALA A 28 -21.14 -1.89 -6.98
N CYS A 29 -21.05 -1.25 -5.82
CA CYS A 29 -21.46 0.15 -5.66
C CYS A 29 -20.59 0.97 -6.64
N LEU A 30 -19.28 0.77 -6.63
CA LEU A 30 -18.37 1.58 -7.50
C LEU A 30 -18.74 1.37 -8.98
N GLY A 31 -18.95 0.13 -9.40
CA GLY A 31 -19.34 -0.22 -10.79
C GLY A 31 -20.66 0.39 -11.20
N ILE A 32 -21.70 0.31 -10.34
CA ILE A 32 -23.01 0.95 -10.63
C ILE A 32 -22.83 2.46 -10.72
N GLY A 33 -22.03 3.01 -9.81
CA GLY A 33 -21.80 4.45 -9.83
C GLY A 33 -21.17 4.90 -11.14
N SER A 34 -20.24 4.13 -11.68
CA SER A 34 -19.52 4.49 -12.93
C SER A 34 -20.51 4.51 -14.10
N LEU A 35 -21.42 3.55 -14.16
CA LEU A 35 -22.45 3.46 -15.21
C LEU A 35 -23.38 4.69 -15.17
N LEU A 36 -23.76 5.11 -13.97
CA LEU A 36 -24.66 6.27 -13.83
C LEU A 36 -23.91 7.54 -14.14
N ARG A 37 -22.66 7.68 -13.72
CA ARG A 37 -21.88 8.92 -13.99
C ARG A 37 -21.74 9.08 -15.51
N LYS A 38 -21.58 7.99 -16.26
CA LYS A 38 -21.47 8.01 -17.75
C LYS A 38 -22.79 8.51 -18.36
N ARG A 39 -23.92 8.45 -17.65
CA ARG A 39 -25.24 8.96 -18.15
C ARG A 39 -25.49 10.38 -17.61
N GLY A 40 -24.48 11.01 -17.03
CA GLY A 40 -24.49 12.43 -16.64
C GLY A 40 -24.97 12.65 -15.21
N HIS A 41 -25.11 11.60 -14.39
CA HIS A 41 -25.67 11.78 -13.02
C HIS A 41 -24.54 12.20 -12.08
N GLN A 42 -24.86 12.93 -11.01
CA GLN A 42 -23.91 13.33 -9.96
C GLN A 42 -23.85 12.20 -8.93
N ILE A 43 -22.67 11.58 -8.74
CA ILE A 43 -22.51 10.45 -7.79
C ILE A 43 -21.88 10.93 -6.48
N TYR A 44 -22.46 10.47 -5.37
CA TYR A 44 -21.92 10.76 -4.02
C TYR A 44 -21.71 9.40 -3.36
N PHE A 45 -20.65 9.29 -2.56
CA PHE A 45 -20.37 8.01 -1.87
C PHE A 45 -19.97 8.33 -0.42
N ALA A 46 -20.77 7.84 0.53
CA ALA A 46 -20.48 8.07 1.96
C ALA A 46 -19.80 6.82 2.52
N HIS A 47 -18.60 6.99 3.07
CA HIS A 47 -17.86 5.83 3.62
C HIS A 47 -16.74 6.34 4.54
N PHE A 48 -15.72 5.51 4.76
CA PHE A 48 -14.61 5.88 5.68
C PHE A 48 -13.45 6.50 4.89
N PRO A 49 -12.66 7.41 5.51
CA PRO A 49 -11.56 8.10 4.82
C PRO A 49 -10.62 7.17 4.03
N ARG A 50 -10.46 5.92 4.48
CA ARG A 50 -9.52 4.98 3.81
C ARG A 50 -9.93 4.74 2.36
N HIS A 51 -11.19 5.03 2.03
CA HIS A 51 -11.68 4.76 0.65
C HIS A 51 -11.87 6.04 -0.16
N ARG A 52 -11.51 7.18 0.42
CA ARG A 52 -11.61 8.49 -0.31
C ARG A 52 -10.86 8.41 -1.64
N ALA A 53 -9.66 7.80 -1.64
CA ALA A 53 -8.83 7.77 -2.87
C ALA A 53 -9.57 7.08 -4.01
N THR A 54 -10.10 5.88 -3.76
CA THR A 54 -10.80 5.12 -4.82
C THR A 54 -12.06 5.88 -5.26
N ILE A 55 -12.82 6.39 -4.29
CA ILE A 55 -14.09 7.11 -4.61
C ILE A 55 -13.78 8.33 -5.49
N GLU A 56 -12.75 9.10 -5.13
CA GLU A 56 -12.45 10.37 -5.87
C GLU A 56 -11.76 10.04 -7.22
N LYS A 57 -11.06 8.93 -7.30
CA LYS A 57 -10.43 8.50 -8.57
C LYS A 57 -11.54 8.19 -9.56
N HIS A 58 -12.69 7.67 -9.09
CA HIS A 58 -13.88 7.35 -9.92
C HIS A 58 -14.65 8.63 -10.28
N GLY A 59 -14.31 9.75 -9.68
CA GLY A 59 -15.02 11.03 -9.90
C GLY A 59 -16.32 11.11 -9.14
N PHE A 60 -16.41 10.41 -8.00
CA PHE A 60 -17.59 10.52 -7.13
C PHE A 60 -17.25 11.49 -5.99
N LEU A 61 -18.24 12.20 -5.46
CA LEU A 61 -17.99 13.12 -4.32
C LEU A 61 -17.90 12.29 -3.03
N PHE A 62 -16.79 12.41 -2.31
CA PHE A 62 -16.56 11.59 -1.09
C PHE A 62 -17.18 12.27 0.12
N ILE A 63 -17.99 11.52 0.86
CA ILE A 63 -18.58 12.05 2.11
C ILE A 63 -18.12 11.15 3.23
N SER A 64 -17.52 11.70 4.28
CA SER A 64 -16.98 10.88 5.39
C SER A 64 -18.09 10.64 6.41
N LEU A 65 -18.47 9.38 6.63
CA LEU A 65 -19.43 9.02 7.71
C LEU A 65 -19.00 9.65 9.05
N LEU A 66 -17.68 9.77 9.29
CA LEU A 66 -17.15 10.26 10.58
C LEU A 66 -17.54 11.73 10.79
N ASP A 67 -17.72 12.51 9.73
CA ASP A 67 -18.09 13.95 9.81
C ASP A 67 -19.54 14.13 10.27
N TYR A 68 -20.33 13.06 10.42
CA TYR A 68 -21.80 13.16 10.61
C TYR A 68 -22.28 12.36 11.83
N ALA A 69 -21.39 12.05 12.75
CA ALA A 69 -21.72 11.20 13.92
C ALA A 69 -22.54 12.02 14.94
N GLU A 70 -23.53 11.39 15.56
CA GLU A 70 -24.26 11.92 16.73
C GLU A 70 -23.38 11.71 17.96
N PRO A 71 -23.18 12.77 18.80
CA PRO A 71 -22.23 12.71 19.92
C PRO A 71 -22.21 11.44 20.81
N GLU A 72 -23.39 10.87 21.14
CA GLU A 72 -23.52 9.73 22.08
C GLU A 72 -23.46 8.38 21.33
N PHE A 73 -23.34 8.39 20.01
CA PHE A 73 -23.36 7.16 19.17
C PHE A 73 -22.19 7.20 18.20
N PRO A 74 -20.95 7.12 18.70
CA PRO A 74 -19.80 7.23 17.83
C PRO A 74 -19.88 6.14 16.75
N ILE A 75 -19.36 6.44 15.57
CA ILE A 75 -19.50 5.51 14.42
C ILE A 75 -18.53 4.36 14.66
N VAL A 76 -19.06 3.13 14.66
CA VAL A 76 -18.21 1.92 14.87
C VAL A 76 -17.47 1.70 13.55
N ASP A 77 -16.14 1.72 13.63
CA ASP A 77 -15.27 1.42 12.47
C ASP A 77 -14.72 0.02 12.75
N MET A 78 -15.23 -1.02 12.08
CA MET A 78 -14.83 -2.40 12.45
C MET A 78 -13.53 -2.85 11.77
N LEU A 79 -13.03 -2.12 10.76
CA LEU A 79 -11.86 -2.60 9.99
C LEU A 79 -10.59 -2.73 10.87
N PRO A 80 -10.19 -1.71 11.65
CA PRO A 80 -8.93 -1.76 12.41
C PRO A 80 -8.86 -2.91 13.42
N ASP A 81 -10.00 -3.33 13.96
CA ASP A 81 -10.08 -4.40 15.01
C ASP A 81 -10.36 -5.78 14.38
N ILE A 82 -10.47 -5.87 13.05
CA ILE A 82 -11.04 -7.09 12.40
C ILE A 82 -10.16 -8.31 12.75
N GLY A 83 -8.84 -8.09 12.99
CA GLY A 83 -7.87 -9.16 13.30
C GLY A 83 -8.30 -9.98 14.52
N ILE A 84 -8.88 -9.33 15.53
CA ILE A 84 -9.30 -10.01 16.79
C ILE A 84 -10.46 -10.95 16.49
N ILE A 85 -11.51 -10.37 15.89
CA ILE A 85 -12.74 -11.07 15.44
C ILE A 85 -12.35 -12.24 14.50
N ALA A 86 -11.49 -11.95 13.52
CA ALA A 86 -11.11 -12.91 12.47
C ALA A 86 -10.33 -14.07 13.10
N LYS A 87 -9.54 -13.78 14.15
CA LYS A 87 -8.71 -14.85 14.80
C LYS A 87 -9.62 -15.82 15.56
N PHE A 88 -10.59 -15.32 16.32
CA PHE A 88 -11.64 -16.15 16.97
C PHE A 88 -12.32 -17.04 15.91
N ALA A 89 -12.74 -16.48 14.76
CA ALA A 89 -13.44 -17.25 13.71
C ALA A 89 -12.52 -18.35 13.19
N PHE A 90 -11.28 -17.96 12.88
CA PHE A 90 -10.27 -18.97 12.41
C PHE A 90 -10.15 -20.18 13.38
N GLU A 91 -10.03 -19.98 14.68
CA GLU A 91 -9.82 -21.07 15.68
C GLU A 91 -11.07 -21.96 15.73
N ARG A 92 -12.27 -21.38 15.57
CA ARG A 92 -13.51 -22.21 15.46
C ARG A 92 -13.48 -23.07 14.19
N MET A 93 -13.16 -22.48 13.05
CA MET A 93 -13.14 -23.19 11.75
C MET A 93 -12.10 -24.30 11.77
N HIS A 94 -10.96 -24.11 12.44
CA HIS A 94 -9.88 -25.14 12.39
C HIS A 94 -10.23 -26.29 13.32
N LYS A 95 -11.05 -26.03 14.33
CA LYS A 95 -11.40 -27.03 15.37
C LYS A 95 -12.70 -27.76 14.97
N LEU A 96 -13.69 -27.09 14.36
CA LEU A 96 -15.06 -27.66 14.31
C LEU A 96 -15.49 -28.00 12.89
N THR A 97 -16.27 -29.08 12.70
CA THR A 97 -17.05 -29.29 11.44
C THR A 97 -18.06 -28.16 11.28
N PRO A 98 -18.54 -27.92 10.04
CA PRO A 98 -19.61 -26.93 9.83
C PRO A 98 -20.83 -27.20 10.73
N LEU A 99 -21.22 -28.45 10.82
CA LEU A 99 -22.36 -28.85 11.71
C LEU A 99 -22.03 -28.47 13.15
N GLU A 100 -20.84 -28.83 13.64
CA GLU A 100 -20.43 -28.51 15.03
C GLU A 100 -20.41 -26.99 15.23
N LEU A 101 -19.93 -26.23 14.25
CA LEU A 101 -19.91 -24.75 14.36
C LEU A 101 -21.33 -24.26 14.68
N PHE A 102 -22.33 -24.80 13.98
CA PHE A 102 -23.74 -24.35 14.19
C PHE A 102 -24.26 -24.82 15.54
N ARG A 103 -24.04 -26.08 15.88
CA ARG A 103 -24.43 -26.62 17.21
C ARG A 103 -23.84 -25.75 18.31
N HIS A 104 -22.52 -25.49 18.28
CA HIS A 104 -21.81 -24.66 19.30
C HIS A 104 -22.36 -23.22 19.30
N ALA A 105 -22.83 -22.71 18.16
CA ALA A 105 -23.32 -21.31 18.07
C ALA A 105 -24.54 -21.14 18.99
N SER A 106 -25.30 -22.22 19.24
CA SER A 106 -26.33 -22.32 20.31
C SER A 106 -27.39 -21.22 20.12
N GLY A 107 -27.93 -21.12 18.91
CA GLY A 107 -28.92 -20.09 18.54
C GLY A 107 -28.34 -18.69 18.41
N LYS A 108 -27.03 -18.46 18.50
CA LYS A 108 -26.46 -17.14 18.11
C LYS A 108 -26.25 -17.13 16.58
N HIS A 109 -26.33 -15.96 15.97
CA HIS A 109 -26.28 -15.79 14.49
C HIS A 109 -24.88 -15.33 14.13
N THR A 110 -24.46 -15.69 12.92
CA THR A 110 -23.14 -15.44 12.33
C THR A 110 -22.76 -13.96 12.40
N PHE A 111 -23.69 -13.05 12.10
CA PHE A 111 -23.30 -11.62 12.03
C PHE A 111 -24.27 -10.69 12.79
N ALA A 112 -25.22 -11.24 13.55
CA ALA A 112 -26.15 -10.38 14.31
C ALA A 112 -25.40 -9.55 15.38
N GLY A 113 -24.22 -10.00 15.84
CA GLY A 113 -23.36 -9.23 16.75
C GLY A 113 -23.09 -7.79 16.33
N MET A 114 -23.08 -7.53 15.02
CA MET A 114 -22.77 -6.21 14.40
C MET A 114 -23.98 -5.28 14.50
N VAL A 115 -25.17 -5.80 14.75
CA VAL A 115 -26.43 -4.99 14.58
C VAL A 115 -26.47 -3.84 15.57
N ASN A 116 -26.26 -4.11 16.86
CA ASN A 116 -26.42 -3.08 17.92
C ASN A 116 -25.47 -1.91 17.64
N GLY A 117 -24.23 -2.23 17.21
CA GLY A 117 -23.18 -1.20 16.98
C GLY A 117 -23.49 -0.29 15.78
N SER A 118 -24.47 -0.68 14.91
CA SER A 118 -24.82 0.02 13.67
C SER A 118 -25.60 1.30 13.97
N LYS A 119 -26.00 1.57 15.22
CA LYS A 119 -26.80 2.81 15.52
C LYS A 119 -26.10 4.07 15.01
N GLY A 120 -24.80 4.22 15.26
CA GLY A 120 -24.14 5.49 14.88
C GLY A 120 -24.19 5.73 13.37
N GLU A 121 -23.95 4.70 12.58
CA GLU A 121 -23.95 4.82 11.09
C GLU A 121 -25.34 5.24 10.62
N ASN A 122 -26.38 4.71 11.28
CA ASN A 122 -27.77 5.05 10.92
C ASN A 122 -27.99 6.55 11.13
N TYR A 123 -27.61 7.07 12.30
CA TYR A 123 -27.75 8.51 12.58
C TYR A 123 -27.02 9.31 11.52
N ALA A 124 -25.81 8.87 11.17
CA ALA A 124 -24.99 9.60 10.18
C ALA A 124 -25.71 9.64 8.83
N MET A 125 -26.21 8.50 8.37
CA MET A 125 -26.86 8.43 7.03
C MET A 125 -28.14 9.30 7.06
N MET A 126 -28.87 9.30 8.16
CA MET A 126 -30.03 10.19 8.29
C MET A 126 -29.59 11.63 7.98
N LYS A 127 -28.53 12.08 8.62
CA LYS A 127 -28.06 13.47 8.48
C LYS A 127 -27.50 13.72 7.07
N ILE A 128 -26.76 12.76 6.52
CA ILE A 128 -26.15 12.89 5.17
C ILE A 128 -27.26 13.02 4.12
N VAL A 129 -28.27 12.15 4.15
CA VAL A 129 -29.35 12.18 3.12
C VAL A 129 -30.15 13.48 3.28
N LYS A 130 -30.39 13.92 4.51
CA LYS A 130 -31.08 15.22 4.72
C LYS A 130 -30.26 16.37 4.13
N GLU A 131 -28.94 16.36 4.27
CA GLU A 131 -28.09 17.47 3.81
C GLU A 131 -27.98 17.42 2.29
N TYR A 132 -27.67 16.26 1.72
CA TYR A 132 -27.32 16.16 0.28
C TYR A 132 -28.58 15.98 -0.59
N LYS A 133 -29.71 15.58 -0.01
CA LYS A 133 -31.01 15.45 -0.73
C LYS A 133 -30.82 14.72 -2.05
N PRO A 134 -30.28 13.48 -2.05
CA PRO A 134 -30.22 12.72 -3.30
C PRO A 134 -31.63 12.31 -3.78
N ASP A 135 -31.72 12.03 -5.07
CA ASP A 135 -32.97 11.56 -5.73
C ASP A 135 -33.15 10.06 -5.41
N VAL A 136 -32.08 9.33 -5.21
CA VAL A 136 -32.14 7.89 -4.83
C VAL A 136 -30.86 7.54 -4.05
N CYS A 137 -30.93 6.56 -3.16
CA CYS A 137 -29.72 6.01 -2.51
C CYS A 137 -29.60 4.52 -2.84
N LEU A 138 -28.39 4.00 -2.85
CA LEU A 138 -28.05 2.57 -2.94
C LEU A 138 -27.16 2.21 -1.75
N ALA A 139 -27.37 1.05 -1.15
CA ALA A 139 -26.58 0.65 0.04
C ALA A 139 -26.27 -0.84 0.02
N ASP A 140 -24.99 -1.18 0.16
CA ASP A 140 -24.54 -2.58 0.27
C ASP A 140 -24.22 -2.91 1.74
N TYR A 141 -25.21 -3.51 2.43
CA TYR A 141 -25.10 -3.91 3.84
C TYR A 141 -25.29 -5.42 3.97
N LEU A 142 -25.03 -5.96 5.15
CA LEU A 142 -25.38 -7.37 5.46
C LEU A 142 -26.88 -7.47 5.84
N PHE A 143 -27.47 -6.38 6.29
CA PHE A 143 -28.88 -6.31 6.79
C PHE A 143 -29.40 -4.90 6.60
N ASN A 144 -30.71 -4.80 6.33
CA ASN A 144 -31.41 -3.51 6.23
C ASN A 144 -31.23 -2.68 7.48
N MET A 145 -31.17 -1.35 7.31
CA MET A 145 -31.04 -0.37 8.39
C MET A 145 -32.23 0.61 8.37
N PRO A 146 -32.64 1.07 9.56
CA PRO A 146 -33.84 1.90 9.68
C PRO A 146 -33.83 3.11 8.76
N TRP A 147 -32.68 3.72 8.54
CA TRP A 147 -32.58 4.99 7.75
C TRP A 147 -33.16 4.73 6.35
N MET A 148 -33.01 3.49 5.85
CA MET A 148 -33.44 3.11 4.48
C MET A 148 -34.99 3.27 4.34
N PHE A 149 -35.72 3.34 5.43
CA PHE A 149 -37.20 3.44 5.46
C PHE A 149 -37.65 4.78 6.04
N THR A 150 -36.74 5.62 6.46
CA THR A 150 -37.10 6.93 7.05
C THR A 150 -36.76 8.11 6.14
N VAL A 151 -35.76 7.99 5.29
CA VAL A 151 -35.32 9.14 4.47
C VAL A 151 -36.38 9.45 3.40
N ASP A 152 -36.32 10.67 2.88
CA ASP A 152 -37.24 11.26 1.89
C ASP A 152 -37.01 10.79 0.45
N CYS A 153 -36.28 9.71 0.16
CA CYS A 153 -36.07 9.24 -1.24
C CYS A 153 -36.10 7.73 -1.22
N PRO A 154 -36.31 7.09 -2.38
CA PRO A 154 -36.20 5.64 -2.46
C PRO A 154 -34.79 5.13 -2.15
N VAL A 155 -34.68 3.89 -1.66
CA VAL A 155 -33.37 3.33 -1.25
C VAL A 155 -33.29 1.91 -1.78
N ILE A 156 -32.27 1.64 -2.59
CA ILE A 156 -32.08 0.31 -3.24
C ILE A 156 -31.02 -0.44 -2.46
N PRO A 157 -31.34 -1.57 -1.82
CA PRO A 157 -30.28 -2.43 -1.27
C PRO A 157 -29.53 -3.08 -2.42
N VAL A 158 -28.20 -3.09 -2.27
CA VAL A 158 -27.25 -3.69 -3.23
C VAL A 158 -26.63 -4.87 -2.49
N LYS A 159 -26.55 -6.04 -3.12
CA LYS A 159 -26.08 -7.25 -2.44
C LYS A 159 -24.94 -7.87 -3.27
N SER A 160 -23.87 -8.22 -2.56
CA SER A 160 -22.66 -8.80 -3.21
C SER A 160 -22.30 -10.13 -2.53
N VAL A 161 -22.92 -10.47 -1.41
CA VAL A 161 -22.72 -11.79 -0.77
C VAL A 161 -23.43 -12.87 -1.58
N ASN A 162 -23.09 -14.13 -1.31
CA ASN A 162 -23.75 -15.27 -1.94
C ASN A 162 -25.26 -15.10 -1.81
N PRO A 163 -26.02 -15.11 -2.93
CA PRO A 163 -27.46 -14.78 -2.88
C PRO A 163 -28.46 -15.91 -2.55
N ILE A 164 -27.98 -17.03 -2.01
CA ILE A 164 -28.91 -18.13 -1.61
C ILE A 164 -29.94 -17.58 -0.61
N GLU A 165 -29.56 -16.57 0.16
CA GLU A 165 -30.47 -15.95 1.16
C GLU A 165 -31.67 -15.26 0.47
N LEU A 166 -31.62 -15.03 -0.83
CA LEU A 166 -32.74 -14.38 -1.57
C LEU A 166 -33.73 -15.44 -2.09
N TYR A 167 -33.48 -16.71 -1.80
CA TYR A 167 -34.30 -17.82 -2.30
C TYR A 167 -34.97 -18.51 -1.12
N ASN A 168 -35.96 -19.35 -1.39
CA ASN A 168 -36.60 -20.24 -0.38
C ASN A 168 -36.02 -21.65 -0.51
N GLY A 169 -34.72 -21.82 -0.27
CA GLY A 169 -34.04 -23.11 -0.40
C GLY A 169 -33.27 -23.45 0.86
N PRO A 170 -32.09 -24.06 0.69
CA PRO A 170 -31.19 -24.32 1.81
C PRO A 170 -30.89 -23.03 2.53
N PRO A 171 -30.77 -23.05 3.87
CA PRO A 171 -30.43 -21.83 4.61
C PRO A 171 -29.07 -21.30 4.15
N ALA A 172 -28.93 -19.98 4.17
CA ALA A 172 -27.69 -19.25 3.92
C ALA A 172 -26.72 -19.50 5.06
N LEU A 173 -25.44 -19.39 4.75
CA LEU A 173 -24.32 -19.39 5.73
C LEU A 173 -24.00 -20.81 6.19
N THR A 174 -24.53 -21.86 5.58
CA THR A 174 -24.28 -23.25 6.06
C THR A 174 -23.36 -24.02 5.11
N GLY A 175 -23.16 -23.56 3.87
CA GLY A 175 -22.45 -24.34 2.83
C GLY A 175 -23.09 -25.68 2.56
N CYS A 176 -24.44 -25.77 2.57
CA CYS A 176 -25.18 -26.98 2.14
C CYS A 176 -24.85 -27.31 0.67
N SER A 177 -24.69 -28.60 0.37
CA SER A 177 -24.50 -29.12 -0.99
C SER A 177 -25.86 -29.51 -1.61
N ILE A 178 -25.99 -29.37 -2.93
CA ILE A 178 -27.13 -29.91 -3.74
C ILE A 178 -27.15 -31.45 -3.58
N HIS A 179 -26.04 -32.05 -3.22
CA HIS A 179 -25.92 -33.53 -3.08
C HIS A 179 -26.18 -34.01 -1.67
N ASP A 180 -26.41 -33.12 -0.70
CA ASP A 180 -26.67 -33.55 0.69
C ASP A 180 -28.06 -34.16 0.74
N PRO A 181 -28.21 -35.40 1.23
CA PRO A 181 -29.54 -35.97 1.46
C PRO A 181 -30.31 -35.23 2.54
N PRO A 182 -31.66 -35.33 2.54
CA PRO A 182 -32.45 -34.70 3.58
C PRO A 182 -32.04 -35.12 5.00
N SER A 183 -31.67 -36.39 5.22
CA SER A 183 -31.24 -36.88 6.55
C SER A 183 -29.98 -36.13 6.98
N VAL A 184 -29.05 -35.92 6.05
CA VAL A 184 -27.70 -35.31 6.28
C VAL A 184 -27.89 -33.84 6.66
N ARG A 185 -28.87 -33.13 6.11
CA ARG A 185 -28.93 -31.66 6.31
C ARG A 185 -30.00 -31.17 7.29
N GLU A 186 -31.07 -31.92 7.51
CA GLU A 186 -32.25 -31.45 8.28
C GLU A 186 -31.84 -30.76 9.61
N GLU A 187 -30.74 -31.16 10.23
CA GLU A 187 -30.35 -30.56 11.53
C GLU A 187 -29.67 -29.21 11.30
N ILE A 188 -28.56 -29.21 10.54
CA ILE A 188 -27.81 -27.95 10.33
C ILE A 188 -28.82 -26.89 9.87
N GLU A 189 -29.85 -27.33 9.12
CA GLU A 189 -30.90 -26.40 8.65
C GLU A 189 -31.73 -25.88 9.81
N GLN A 190 -32.14 -26.77 10.73
CA GLN A 190 -32.96 -26.36 11.90
C GLN A 190 -32.19 -25.35 12.74
N LEU A 191 -30.90 -25.60 12.94
CA LEU A 191 -30.05 -24.67 13.73
C LEU A 191 -30.01 -23.31 13.05
N ALA A 192 -29.79 -23.31 11.74
CA ALA A 192 -29.72 -22.05 10.96
C ALA A 192 -31.02 -21.27 11.15
N ARG A 193 -32.14 -21.98 11.31
CA ARG A 193 -33.46 -21.33 11.48
C ARG A 193 -33.53 -20.64 12.84
N LYS A 194 -33.13 -21.34 13.90
CA LYS A 194 -33.12 -20.72 15.25
C LYS A 194 -32.20 -19.50 15.22
N SER A 195 -31.15 -19.54 14.41
CA SER A 195 -30.19 -18.42 14.42
C SER A 195 -30.77 -17.22 13.64
N GLU A 196 -31.61 -17.46 12.62
CA GLU A 196 -32.34 -16.39 11.88
C GLU A 196 -33.20 -15.62 12.90
N LEU A 197 -33.70 -16.29 13.95
CA LEU A 197 -34.55 -15.61 14.95
C LEU A 197 -33.72 -14.66 15.82
N GLU A 198 -32.47 -14.99 16.11
CA GLU A 198 -31.57 -14.06 16.85
C GLU A 198 -31.26 -12.85 15.97
N LEU A 199 -31.03 -13.03 14.66
CA LEU A 199 -30.84 -11.86 13.77
C LEU A 199 -32.09 -10.98 13.82
N GLU A 200 -33.27 -11.58 13.68
CA GLU A 200 -34.54 -10.80 13.76
C GLU A 200 -34.63 -10.05 15.10
N SER A 201 -34.30 -10.72 16.21
CA SER A 201 -34.42 -10.10 17.56
C SER A 201 -33.52 -8.86 17.68
N GLU A 202 -32.29 -8.97 17.18
CA GLU A 202 -31.34 -7.83 17.25
C GLU A 202 -31.80 -6.73 16.28
N LEU A 203 -32.32 -7.12 15.11
CA LEU A 203 -32.83 -6.08 14.18
C LEU A 203 -34.02 -5.38 14.80
N GLU A 204 -34.84 -6.12 15.52
CA GLU A 204 -36.04 -5.52 16.18
C GLU A 204 -35.59 -4.41 17.14
N LYS A 205 -34.50 -4.64 17.91
CA LYS A 205 -34.01 -3.62 18.86
C LYS A 205 -33.45 -2.41 18.12
N LEU A 206 -32.71 -2.61 17.00
CA LEU A 206 -32.16 -1.49 16.22
C LEU A 206 -33.32 -0.65 15.64
N PHE A 207 -34.29 -1.30 15.02
CA PHE A 207 -35.46 -0.63 14.40
C PHE A 207 -36.29 0.07 15.47
N ALA A 208 -36.46 -0.53 16.65
CA ALA A 208 -37.25 0.08 17.76
C ALA A 208 -36.55 1.35 18.23
N HIS A 209 -35.22 1.33 18.26
CA HIS A 209 -34.44 2.50 18.71
C HIS A 209 -34.84 3.71 17.87
N PHE A 210 -35.03 3.53 16.56
CA PHE A 210 -35.28 4.64 15.60
C PHE A 210 -36.78 4.80 15.36
N ASN A 211 -37.60 4.03 16.05
CA ASN A 211 -39.08 4.13 15.95
C ASN A 211 -39.52 3.74 14.55
N VAL A 212 -38.92 2.71 13.96
CA VAL A 212 -39.24 2.31 12.58
C VAL A 212 -39.79 0.89 12.62
N PRO A 213 -40.90 0.63 11.91
CA PRO A 213 -41.39 -0.74 11.88
C PRO A 213 -40.37 -1.70 11.25
N LEU A 214 -40.18 -2.84 11.88
CA LEU A 214 -39.17 -3.85 11.45
C LEU A 214 -39.58 -4.45 10.12
N VAL A 215 -38.61 -4.53 9.21
CA VAL A 215 -38.73 -5.32 7.94
C VAL A 215 -37.79 -6.51 8.00
N SER A 216 -38.02 -7.48 7.14
CA SER A 216 -37.04 -8.55 6.85
C SER A 216 -35.66 -7.96 6.55
N TYR A 217 -34.60 -8.60 7.01
CA TYR A 217 -33.20 -8.08 6.86
C TYR A 217 -32.84 -7.92 5.40
N ASN A 218 -33.47 -8.65 4.45
CA ASN A 218 -33.11 -8.53 3.00
C ASN A 218 -34.34 -8.19 2.15
N TYR A 219 -35.32 -7.51 2.73
CA TYR A 219 -36.47 -6.97 1.99
C TYR A 219 -36.00 -5.90 1.02
N ALA A 220 -36.52 -5.92 -0.19
CA ALA A 220 -36.35 -4.81 -1.16
C ALA A 220 -37.74 -4.19 -1.38
N GLN A 221 -37.97 -2.99 -0.82
CA GLN A 221 -39.32 -2.38 -0.85
C GLN A 221 -39.77 -2.13 -2.29
N GLN A 222 -38.93 -1.56 -3.16
CA GLN A 222 -39.23 -1.25 -4.58
C GLN A 222 -38.28 -1.96 -5.57
N LEU A 223 -36.98 -1.98 -5.25
CA LEU A 223 -35.92 -2.57 -6.08
C LEU A 223 -34.73 -2.94 -5.22
N GLY A 224 -34.18 -4.15 -5.45
CA GLY A 224 -32.90 -4.60 -4.92
C GLY A 224 -32.05 -5.09 -6.06
N ILE A 225 -30.72 -4.90 -5.95
CA ILE A 225 -29.80 -5.31 -7.04
C ILE A 225 -28.75 -6.25 -6.42
N TYR A 226 -28.67 -7.46 -6.95
CA TYR A 226 -27.65 -8.42 -6.45
C TYR A 226 -26.65 -8.71 -7.57
N ILE A 227 -25.40 -8.93 -7.18
CA ILE A 227 -24.33 -9.22 -8.17
C ILE A 227 -23.80 -10.61 -7.85
N TYR A 228 -23.96 -11.53 -8.80
CA TYR A 228 -23.49 -12.91 -8.63
C TYR A 228 -23.36 -13.52 -10.02
N PRO A 229 -22.39 -14.42 -10.25
CA PRO A 229 -22.21 -15.03 -11.56
C PRO A 229 -23.51 -15.72 -12.02
N GLY A 230 -24.06 -15.25 -13.14
CA GLY A 230 -25.28 -15.84 -13.69
C GLY A 230 -25.23 -17.37 -13.73
N PRO A 231 -24.16 -17.98 -14.28
CA PRO A 231 -24.11 -19.44 -14.35
C PRO A 231 -24.06 -20.12 -12.97
N LEU A 232 -23.75 -19.40 -11.90
CA LEU A 232 -23.75 -19.96 -10.53
C LEU A 232 -25.03 -19.68 -9.76
N ASP A 233 -25.88 -18.79 -10.27
CA ASP A 233 -27.09 -18.36 -9.52
C ASP A 233 -28.02 -19.54 -9.32
N TYR A 234 -28.88 -19.45 -8.29
CA TYR A 234 -29.69 -20.63 -7.89
C TYR A 234 -30.97 -20.77 -8.72
N LYS A 235 -30.82 -20.99 -10.03
CA LYS A 235 -31.98 -21.19 -10.92
C LYS A 235 -32.80 -22.39 -10.43
N GLU A 236 -32.16 -23.35 -9.74
CA GLU A 236 -32.88 -24.58 -9.29
C GLU A 236 -33.83 -24.25 -8.14
N LEU A 237 -33.73 -23.06 -7.55
CA LEU A 237 -34.58 -22.69 -6.39
C LEU A 237 -35.71 -21.77 -6.87
N GLY A 238 -35.78 -21.53 -8.17
CA GLY A 238 -36.81 -20.68 -8.80
C GLY A 238 -36.32 -19.26 -8.83
N SER A 239 -37.11 -18.28 -8.34
CA SER A 239 -36.75 -16.86 -8.53
C SER A 239 -36.38 -16.26 -7.19
N PRO A 240 -35.52 -15.23 -7.20
CA PRO A 240 -35.20 -14.52 -5.99
C PRO A 240 -36.42 -13.77 -5.45
N LYS A 241 -36.22 -13.27 -4.22
CA LYS A 241 -37.27 -12.51 -3.48
C LYS A 241 -37.78 -11.34 -4.30
N GLU A 242 -38.96 -10.87 -3.89
CA GLU A 242 -39.63 -9.80 -4.66
C GLU A 242 -38.78 -8.54 -4.87
N ASN A 243 -38.74 -8.08 -6.10
CA ASN A 243 -38.14 -6.78 -6.50
C ASN A 243 -36.60 -6.89 -6.64
N TRP A 244 -36.00 -8.03 -6.31
CA TRP A 244 -34.55 -8.25 -6.57
C TRP A 244 -34.30 -8.54 -8.05
N VAL A 245 -33.26 -7.90 -8.59
CA VAL A 245 -32.82 -8.06 -10.00
C VAL A 245 -31.30 -8.31 -9.99
N ARG A 246 -30.83 -9.18 -10.87
CA ARG A 246 -29.37 -9.46 -11.01
C ARG A 246 -28.71 -8.51 -12.01
N LEU A 247 -27.62 -7.86 -11.60
CA LEU A 247 -26.86 -6.95 -12.50
C LEU A 247 -25.64 -7.72 -13.07
N ASP A 248 -25.70 -8.00 -14.37
CA ASP A 248 -24.62 -8.66 -15.15
C ASP A 248 -23.87 -7.59 -15.96
N SER A 249 -22.56 -7.45 -15.76
CA SER A 249 -21.82 -6.35 -16.44
C SER A 249 -20.81 -6.93 -17.42
N ASN A 258 -0.81 -5.03 -17.71
CA ASN A 258 0.27 -6.02 -17.46
C ASN A 258 0.85 -5.89 -16.04
N PHE A 259 0.39 -6.75 -15.14
CA PHE A 259 1.12 -7.20 -13.92
C PHE A 259 2.54 -7.68 -14.30
N GLU A 260 3.56 -7.15 -13.64
CA GLU A 260 4.95 -7.61 -13.90
C GLU A 260 5.25 -8.78 -12.96
N LEU A 261 5.60 -9.93 -13.54
CA LEU A 261 5.93 -11.13 -12.73
C LEU A 261 7.25 -10.89 -12.02
N PRO A 262 7.37 -11.24 -10.73
CA PRO A 262 8.64 -11.06 -10.01
C PRO A 262 9.74 -11.97 -10.55
N GLU A 263 10.99 -11.46 -10.57
CA GLU A 263 12.17 -12.19 -11.06
C GLU A 263 12.37 -13.42 -10.20
N LYS A 264 11.96 -13.40 -8.93
CA LYS A 264 12.19 -14.56 -8.03
C LYS A 264 11.51 -15.79 -8.66
N LEU A 265 10.42 -15.62 -9.37
CA LEU A 265 9.66 -16.82 -9.84
C LEU A 265 9.98 -17.18 -11.30
N LYS A 266 10.95 -16.53 -11.95
CA LYS A 266 11.45 -16.96 -13.29
C LYS A 266 12.40 -18.16 -13.18
N ASP A 267 12.62 -18.90 -14.25
CA ASP A 267 13.65 -19.99 -14.27
C ASP A 267 13.30 -21.06 -13.22
N LYS A 268 12.02 -21.23 -12.95
CA LYS A 268 11.56 -22.19 -11.94
C LYS A 268 10.42 -22.97 -12.59
N PRO A 269 10.35 -24.29 -12.35
CA PRO A 269 9.34 -25.11 -13.02
C PRO A 269 7.96 -24.99 -12.37
N GLY A 270 7.00 -25.48 -13.13
CA GLY A 270 5.61 -25.63 -12.66
C GLY A 270 4.73 -24.46 -13.01
N LYS A 271 3.47 -24.58 -12.59
CA LYS A 271 2.43 -23.61 -12.92
C LYS A 271 2.48 -22.42 -11.98
N LEU A 272 1.73 -21.40 -12.30
CA LEU A 272 1.66 -20.18 -11.46
C LEU A 272 0.32 -20.19 -10.71
N ILE A 273 0.39 -20.07 -9.40
CA ILE A 273 -0.80 -20.16 -8.48
C ILE A 273 -0.90 -18.94 -7.61
N TYR A 274 -2.09 -18.30 -7.55
CA TYR A 274 -2.33 -17.12 -6.72
C TYR A 274 -2.99 -17.59 -5.43
N VAL A 275 -2.49 -17.14 -4.30
CA VAL A 275 -3.04 -17.49 -2.95
C VAL A 275 -3.50 -16.23 -2.27
N SER A 276 -4.79 -16.17 -1.90
CA SER A 276 -5.29 -15.00 -1.16
C SER A 276 -6.42 -15.46 -0.25
N MET A 277 -6.32 -15.15 1.04
CA MET A 277 -7.45 -15.41 1.96
C MET A 277 -8.32 -14.16 2.10
N GLY A 278 -8.14 -13.15 1.24
CA GLY A 278 -8.99 -11.94 1.24
C GLY A 278 -8.52 -10.91 2.22
N SER A 279 -9.00 -9.65 2.03
CA SER A 279 -8.51 -8.49 2.82
C SER A 279 -8.66 -8.75 4.32
N LEU A 280 -9.78 -9.31 4.73
CA LEU A 280 -10.11 -9.40 6.15
C LEU A 280 -9.44 -10.58 6.84
N ALA A 281 -9.62 -11.82 6.35
CA ALA A 281 -9.09 -13.01 7.03
C ALA A 281 -7.54 -12.99 7.00
N SER A 282 -6.92 -12.32 6.03
CA SER A 282 -5.44 -12.30 5.87
C SER A 282 -4.80 -11.55 7.02
N ALA A 283 -5.57 -10.81 7.83
CA ALA A 283 -5.05 -10.16 9.05
C ALA A 283 -4.59 -11.25 10.07
N VAL A 284 -5.08 -12.47 9.92
CA VAL A 284 -4.82 -13.59 10.86
C VAL A 284 -3.58 -14.33 10.37
N THR A 285 -2.40 -13.98 10.90
CA THR A 285 -1.17 -14.48 10.26
C THR A 285 -1.18 -16.02 10.37
N GLU A 286 -1.78 -16.57 11.42
CA GLU A 286 -1.80 -18.05 11.67
C GLU A 286 -2.48 -18.75 10.51
N LEU A 287 -3.45 -18.12 9.85
CA LEU A 287 -4.20 -18.78 8.76
C LEU A 287 -3.28 -18.90 7.55
N LEU A 288 -2.67 -17.83 7.14
CA LEU A 288 -1.77 -17.91 5.95
C LEU A 288 -0.58 -18.81 6.24
N THR A 289 -0.02 -18.76 7.44
CA THR A 289 1.12 -19.61 7.76
C THR A 289 0.68 -21.08 7.61
N MET A 290 -0.49 -21.44 8.13
CA MET A 290 -0.97 -22.84 8.04
C MET A 290 -1.06 -23.27 6.57
N ILE A 291 -1.58 -22.42 5.70
CA ILE A 291 -1.70 -22.75 4.25
C ILE A 291 -0.32 -22.78 3.55
N LEU A 292 0.56 -21.80 3.82
CA LEU A 292 1.82 -21.65 3.03
C LEU A 292 2.81 -22.77 3.34
N THR A 293 2.90 -23.16 4.60
CA THR A 293 4.00 -24.06 5.04
C THR A 293 4.07 -25.28 4.10
N PRO A 294 2.98 -26.03 3.88
CA PRO A 294 3.07 -27.20 3.01
C PRO A 294 3.32 -26.88 1.53
N LEU A 295 2.99 -25.65 1.10
CA LEU A 295 3.20 -25.29 -0.32
C LEU A 295 4.70 -25.11 -0.64
N ALA A 296 5.58 -25.02 0.35
CA ALA A 296 7.05 -25.02 0.13
C ALA A 296 7.44 -26.25 -0.73
N ASN A 297 6.68 -27.34 -0.57
CA ASN A 297 6.93 -28.65 -1.24
C ASN A 297 6.08 -28.87 -2.48
N SER A 298 5.19 -27.96 -2.84
CA SER A 298 4.39 -28.08 -4.07
C SER A 298 5.23 -27.62 -5.26
N PRO A 299 5.32 -28.41 -6.35
CA PRO A 299 6.24 -28.12 -7.45
C PRO A 299 5.69 -27.09 -8.44
N HIS A 300 5.33 -25.94 -7.87
CA HIS A 300 4.77 -24.83 -8.67
C HIS A 300 5.28 -23.50 -8.11
N ARG A 301 4.79 -22.37 -8.62
CA ARG A 301 5.24 -21.04 -8.25
C ARG A 301 4.03 -20.31 -7.70
N PHE A 302 4.18 -19.62 -6.57
CA PHE A 302 3.04 -19.03 -5.84
C PHE A 302 3.26 -17.53 -5.75
N ILE A 303 2.23 -16.79 -6.09
CA ILE A 303 2.12 -15.36 -5.72
C ILE A 303 1.15 -15.26 -4.57
N VAL A 304 1.53 -14.59 -3.51
CA VAL A 304 0.76 -14.55 -2.25
C VAL A 304 0.37 -13.11 -1.88
N SER A 305 -0.90 -12.89 -1.62
CA SER A 305 -1.38 -11.67 -0.92
C SER A 305 -1.15 -11.91 0.57
N THR A 306 -0.17 -11.27 1.18
CA THR A 306 0.27 -11.61 2.56
C THR A 306 -0.53 -10.85 3.62
N GLY A 307 -1.31 -9.86 3.22
CA GLY A 307 -2.19 -9.14 4.16
C GLY A 307 -1.47 -8.06 4.95
N PRO A 308 -2.18 -7.37 5.86
CA PRO A 308 -1.59 -6.23 6.59
C PRO A 308 -0.47 -6.61 7.58
N ASN A 309 -0.40 -7.86 8.00
CA ASN A 309 0.69 -8.36 8.88
C ASN A 309 1.68 -9.15 8.03
N GLY A 310 1.69 -8.94 6.72
CA GLY A 310 2.40 -9.78 5.76
C GLY A 310 3.90 -9.81 5.98
N ASP A 311 4.47 -8.81 6.63
CA ASP A 311 5.96 -8.85 6.79
C ASP A 311 6.33 -9.90 7.86
N SER A 312 5.37 -10.41 8.63
CA SER A 312 5.55 -11.44 9.68
C SER A 312 5.44 -12.81 9.03
N ILE A 313 5.05 -12.87 7.77
CA ILE A 313 4.79 -14.17 7.09
C ILE A 313 6.04 -14.65 6.36
N LYS A 314 6.38 -15.91 6.62
CA LYS A 314 7.57 -16.51 5.96
C LYS A 314 7.21 -16.99 4.56
N LEU A 315 8.04 -16.65 3.57
CA LEU A 315 7.89 -17.15 2.19
C LEU A 315 9.05 -18.07 1.81
N TYR A 316 8.75 -19.04 0.99
CA TYR A 316 9.74 -20.01 0.52
C TYR A 316 10.30 -19.64 -0.84
N ASP A 317 11.24 -20.47 -1.32
CA ASP A 317 12.00 -20.22 -2.58
C ASP A 317 11.05 -20.20 -3.78
N ASN A 318 9.89 -20.87 -3.71
CA ASN A 318 8.91 -20.93 -4.82
C ASN A 318 7.81 -19.89 -4.62
N MET A 319 8.00 -18.89 -3.80
CA MET A 319 6.89 -17.96 -3.54
C MET A 319 7.37 -16.52 -3.60
N TRP A 320 6.47 -15.64 -3.99
CA TRP A 320 6.63 -14.19 -3.91
C TRP A 320 5.37 -13.64 -3.35
N GLY A 321 5.47 -12.59 -2.52
CA GLY A 321 4.24 -11.98 -2.02
C GLY A 321 4.42 -10.54 -1.62
N ASP A 322 3.32 -9.85 -1.50
CA ASP A 322 3.26 -8.51 -0.89
C ASP A 322 1.93 -8.34 -0.19
N LYS A 323 1.80 -7.31 0.66
CA LYS A 323 0.64 -7.12 1.57
C LYS A 323 -0.65 -7.03 0.75
N PHE A 324 -0.62 -6.32 -0.38
CA PHE A 324 -1.82 -6.05 -1.23
C PHE A 324 -1.36 -6.14 -2.70
N ILE A 325 -1.87 -7.10 -3.44
CA ILE A 325 -1.46 -7.48 -4.83
C ILE A 325 -2.45 -6.75 -5.77
N ASN A 326 -2.05 -6.40 -7.00
CA ASN A 326 -3.04 -6.00 -8.04
C ASN A 326 -3.76 -7.24 -8.56
N GLN A 327 -4.84 -7.65 -7.89
CA GLN A 327 -5.43 -9.00 -8.05
C GLN A 327 -6.02 -9.13 -9.46
N VAL A 328 -6.71 -8.08 -9.93
CA VAL A 328 -7.37 -8.17 -11.26
C VAL A 328 -6.32 -8.20 -12.38
N ALA A 329 -5.18 -7.56 -12.22
CA ALA A 329 -4.11 -7.60 -13.24
C ALA A 329 -3.42 -8.96 -13.20
N LEU A 330 -3.29 -9.53 -12.00
CA LEU A 330 -2.56 -10.80 -11.86
C LEU A 330 -3.37 -11.96 -12.46
N LEU A 331 -4.70 -12.02 -12.20
CA LEU A 331 -5.47 -13.27 -12.39
C LEU A 331 -5.33 -13.88 -13.81
N PRO A 332 -5.30 -13.12 -14.92
CA PRO A 332 -5.13 -13.70 -16.24
C PRO A 332 -3.81 -14.46 -16.42
N LYS A 333 -2.80 -14.16 -15.62
CA LYS A 333 -1.44 -14.78 -15.77
C LYS A 333 -1.37 -16.10 -14.98
N VAL A 334 -2.28 -16.37 -14.05
CA VAL A 334 -2.18 -17.61 -13.22
C VAL A 334 -2.94 -18.79 -13.83
N ASP A 335 -2.67 -19.98 -13.28
CA ASP A 335 -3.31 -21.24 -13.68
C ASP A 335 -4.37 -21.68 -12.65
N LEU A 336 -4.38 -21.13 -11.43
CA LEU A 336 -5.19 -21.65 -10.30
C LEU A 336 -5.21 -20.59 -9.24
N PHE A 337 -6.32 -20.47 -8.52
CA PHE A 337 -6.56 -19.45 -7.49
C PHE A 337 -6.97 -20.17 -6.22
N ILE A 338 -6.15 -20.12 -5.21
CA ILE A 338 -6.43 -20.59 -3.84
C ILE A 338 -7.03 -19.41 -3.10
N THR A 339 -8.30 -19.56 -2.70
CA THR A 339 -9.12 -18.40 -2.25
C THR A 339 -9.84 -18.81 -0.96
N HIS A 340 -10.33 -17.83 -0.21
CA HIS A 340 -11.25 -18.03 0.95
C HIS A 340 -12.68 -18.20 0.45
N GLY A 341 -12.97 -17.95 -0.82
CA GLY A 341 -14.31 -18.14 -1.38
C GLY A 341 -15.16 -16.89 -1.21
N GLY A 342 -14.58 -15.74 -0.97
CA GLY A 342 -15.36 -14.50 -0.98
C GLY A 342 -15.95 -14.21 -2.34
N SER A 343 -17.09 -13.51 -2.40
CA SER A 343 -17.82 -13.27 -3.67
C SER A 343 -17.02 -12.45 -4.66
N ASN A 344 -16.34 -11.40 -4.22
CA ASN A 344 -15.51 -10.59 -5.16
C ASN A 344 -14.42 -11.44 -5.78
N SER A 345 -13.75 -12.22 -4.98
CA SER A 345 -12.64 -13.07 -5.49
C SER A 345 -13.23 -14.13 -6.43
N LEU A 346 -14.38 -14.70 -6.07
CA LEU A 346 -15.07 -15.71 -6.91
C LEU A 346 -15.37 -15.13 -8.32
N ILE A 347 -15.97 -13.95 -8.38
CA ILE A 347 -16.35 -13.37 -9.70
C ILE A 347 -15.09 -12.99 -10.48
N GLU A 348 -14.07 -12.48 -9.81
CA GLU A 348 -12.83 -12.06 -10.50
C GLU A 348 -12.14 -13.29 -11.06
N GLY A 349 -12.08 -14.36 -10.26
CA GLY A 349 -11.36 -15.56 -10.66
C GLY A 349 -12.06 -16.19 -11.86
N LEU A 350 -13.40 -16.33 -11.79
CA LEU A 350 -14.17 -17.00 -12.87
C LEU A 350 -14.20 -16.07 -14.09
N THR A 351 -14.31 -14.76 -13.95
CA THR A 351 -14.23 -13.83 -15.10
C THR A 351 -12.90 -14.06 -15.86
N ALA A 352 -11.79 -14.22 -15.14
CA ALA A 352 -10.47 -14.53 -15.75
C ALA A 352 -10.41 -15.99 -16.23
N GLY A 353 -11.37 -16.84 -15.91
CA GLY A 353 -11.35 -18.24 -16.37
C GLY A 353 -10.40 -19.14 -15.59
N LYS A 354 -10.25 -18.91 -14.29
CA LYS A 354 -9.32 -19.72 -13.47
C LYS A 354 -10.07 -20.58 -12.47
N PRO A 355 -9.73 -21.88 -12.37
CA PRO A 355 -10.33 -22.78 -11.40
C PRO A 355 -9.88 -22.38 -9.99
N LEU A 356 -10.70 -22.73 -9.01
CA LEU A 356 -10.57 -22.31 -7.62
C LEU A 356 -10.37 -23.51 -6.69
N ILE A 357 -9.53 -23.32 -5.69
CA ILE A 357 -9.56 -24.10 -4.44
C ILE A 357 -10.04 -23.14 -3.38
N ALA A 358 -11.21 -23.41 -2.81
CA ALA A 358 -11.85 -22.54 -1.81
C ALA A 358 -11.65 -23.15 -0.43
N ILE A 359 -11.09 -22.36 0.48
CA ILE A 359 -10.85 -22.69 1.90
C ILE A 359 -11.69 -21.71 2.69
N PRO A 360 -12.98 -21.96 2.90
CA PRO A 360 -13.83 -20.90 3.45
C PRO A 360 -13.54 -20.57 4.92
N GLN A 361 -13.74 -19.30 5.28
CA GLN A 361 -13.35 -18.74 6.60
C GLN A 361 -14.58 -18.30 7.40
N PHE A 362 -15.61 -17.75 6.74
CA PHE A 362 -16.69 -17.09 7.50
C PHE A 362 -17.93 -16.92 6.61
N GLY A 363 -19.10 -17.04 7.22
CA GLY A 363 -20.39 -16.73 6.59
C GLY A 363 -20.59 -17.25 5.19
N ASP A 364 -20.94 -16.33 4.28
CA ASP A 364 -21.33 -16.69 2.89
C ASP A 364 -20.19 -17.38 2.12
N GLN A 365 -18.95 -17.23 2.59
CA GLN A 365 -17.87 -17.98 1.94
C GLN A 365 -18.15 -19.49 1.95
N LEU A 366 -18.87 -20.00 2.95
CA LEU A 366 -19.15 -21.46 2.99
C LEU A 366 -20.08 -21.79 1.82
N ASP A 367 -21.06 -20.90 1.53
CA ASP A 367 -22.04 -21.11 0.42
C ASP A 367 -21.29 -21.05 -0.92
N ASN A 368 -20.43 -20.08 -1.09
CA ASN A 368 -19.62 -19.94 -2.34
C ASN A 368 -18.69 -21.14 -2.53
N ALA A 369 -18.01 -21.58 -1.49
CA ALA A 369 -17.13 -22.76 -1.55
C ALA A 369 -17.92 -23.98 -1.98
N GLN A 370 -19.10 -24.19 -1.44
CA GLN A 370 -19.87 -25.37 -1.83
C GLN A 370 -20.41 -25.22 -3.25
N ARG A 371 -20.72 -23.99 -3.69
CA ARG A 371 -21.22 -23.79 -5.05
C ARG A 371 -20.11 -24.11 -6.05
N ILE A 372 -18.86 -23.72 -5.75
CA ILE A 372 -17.68 -24.06 -6.59
C ILE A 372 -17.60 -25.58 -6.74
N ALA A 373 -17.66 -26.33 -5.65
CA ALA A 373 -17.55 -27.80 -5.68
C ALA A 373 -18.72 -28.39 -6.45
N ASP A 374 -19.93 -27.96 -6.10
CA ASP A 374 -21.19 -28.50 -6.68
C ASP A 374 -21.22 -28.30 -8.20
N LEU A 375 -20.76 -27.18 -8.73
CA LEU A 375 -20.82 -26.92 -10.18
C LEU A 375 -19.53 -27.29 -10.90
N GLY A 376 -18.58 -27.95 -10.23
CA GLY A 376 -17.35 -28.44 -10.89
C GLY A 376 -16.45 -27.32 -11.37
N LEU A 377 -16.24 -26.29 -10.55
CA LEU A 377 -15.41 -25.12 -10.88
C LEU A 377 -14.14 -25.15 -10.05
N GLY A 378 -13.94 -26.23 -9.28
CA GLY A 378 -12.82 -26.29 -8.34
C GLY A 378 -13.17 -27.24 -7.22
N VAL A 379 -12.48 -27.11 -6.10
CA VAL A 379 -12.76 -27.93 -4.90
C VAL A 379 -12.86 -27.06 -3.65
N ARG A 380 -13.60 -27.60 -2.70
CA ARG A 380 -13.71 -27.04 -1.34
C ARG A 380 -12.78 -27.81 -0.42
N LEU A 381 -11.95 -27.10 0.32
CA LEU A 381 -11.07 -27.77 1.33
C LEU A 381 -11.34 -27.14 2.67
N ASN A 382 -11.79 -27.92 3.64
CA ASN A 382 -12.16 -27.31 4.95
C ASN A 382 -10.96 -27.25 5.88
N LEU A 383 -10.83 -26.16 6.66
CA LEU A 383 -9.75 -26.04 7.67
C LEU A 383 -9.83 -27.18 8.70
N HIS A 384 -11.03 -27.66 9.06
CA HIS A 384 -11.13 -28.61 10.20
C HIS A 384 -10.52 -29.98 9.85
N GLU A 385 -10.35 -30.32 8.56
CA GLU A 385 -9.71 -31.63 8.26
C GLU A 385 -8.50 -31.35 7.36
N PHE A 386 -7.87 -30.21 7.55
CA PHE A 386 -6.78 -29.77 6.64
C PHE A 386 -5.53 -30.61 6.90
N SER A 387 -4.83 -31.00 5.84
CA SER A 387 -3.45 -31.50 5.96
C SER A 387 -2.67 -31.00 4.77
N GLY A 388 -1.35 -30.94 4.95
CA GLY A 388 -0.50 -30.57 3.82
C GLY A 388 -0.67 -31.52 2.67
N GLU A 389 -0.76 -32.82 2.97
CA GLU A 389 -0.92 -33.82 1.91
C GLU A 389 -2.21 -33.54 1.09
N LYS A 390 -3.31 -33.21 1.76
CA LYS A 390 -4.58 -32.96 1.07
C LYS A 390 -4.52 -31.66 0.23
N LEU A 391 -3.86 -30.60 0.70
CA LEU A 391 -3.75 -29.33 -0.06
C LEU A 391 -2.94 -29.57 -1.35
N LEU A 392 -1.79 -30.23 -1.19
CA LEU A 392 -0.95 -30.50 -2.38
C LEU A 392 -1.71 -31.37 -3.39
N LYS A 393 -2.46 -32.35 -2.88
CA LYS A 393 -3.19 -33.26 -3.79
C LYS A 393 -4.34 -32.49 -4.45
N ALA A 394 -5.00 -31.55 -3.77
CA ALA A 394 -6.06 -30.69 -4.35
C ALA A 394 -5.46 -29.89 -5.51
N ILE A 395 -4.29 -29.31 -5.31
CA ILE A 395 -3.57 -28.58 -6.37
C ILE A 395 -3.34 -29.49 -7.57
N GLU A 396 -2.76 -30.68 -7.38
CA GLU A 396 -2.49 -31.54 -8.55
C GLU A 396 -3.80 -31.93 -9.22
N ASP A 397 -4.82 -32.27 -8.43
CA ASP A 397 -6.09 -32.73 -9.00
C ASP A 397 -6.69 -31.60 -9.87
N VAL A 398 -6.87 -30.40 -9.32
CA VAL A 398 -7.51 -29.31 -10.08
C VAL A 398 -6.67 -28.91 -11.30
N LEU A 399 -5.35 -28.80 -11.20
CA LEU A 399 -4.52 -28.42 -12.38
C LEU A 399 -4.69 -29.44 -13.52
N ASN A 400 -4.93 -30.71 -13.22
CA ASN A 400 -5.00 -31.81 -14.22
C ASN A 400 -6.45 -32.19 -14.55
N ASP A 401 -7.43 -31.49 -13.99
CA ASP A 401 -8.85 -31.89 -14.17
C ASP A 401 -9.41 -31.21 -15.42
N GLU A 402 -9.43 -31.92 -16.53
CA GLU A 402 -9.87 -31.34 -17.82
C GLU A 402 -11.34 -30.91 -17.71
N LYS A 403 -12.18 -31.62 -16.98
CA LYS A 403 -13.61 -31.25 -16.90
C LYS A 403 -13.76 -29.92 -16.12
N ILE A 404 -13.04 -29.77 -15.01
CA ILE A 404 -13.15 -28.52 -14.20
C ILE A 404 -12.66 -27.38 -15.09
N ASN A 405 -11.53 -27.56 -15.77
CA ASN A 405 -10.95 -26.49 -16.59
C ASN A 405 -11.92 -26.13 -17.75
N ALA A 406 -12.61 -27.10 -18.34
CA ALA A 406 -13.69 -26.86 -19.34
C ALA A 406 -14.86 -26.07 -18.71
N ASN A 407 -15.34 -26.48 -17.52
CA ASN A 407 -16.48 -25.83 -16.84
C ASN A 407 -16.13 -24.37 -16.59
N VAL A 408 -14.91 -24.12 -16.12
CA VAL A 408 -14.50 -22.72 -15.79
C VAL A 408 -14.45 -21.88 -17.06
N ALA A 409 -13.91 -22.43 -18.14
CA ALA A 409 -13.83 -21.75 -19.46
C ALA A 409 -15.24 -21.38 -19.94
N ARG A 410 -16.19 -22.29 -19.78
CA ARG A 410 -17.60 -22.03 -20.20
C ARG A 410 -18.22 -20.90 -19.35
N VAL A 411 -17.97 -20.87 -18.05
CA VAL A 411 -18.54 -19.82 -17.17
C VAL A 411 -17.93 -18.48 -17.56
N SER A 412 -16.60 -18.43 -17.77
CA SER A 412 -15.90 -17.16 -18.10
C SER A 412 -16.47 -16.56 -19.38
N GLU A 413 -16.73 -17.41 -20.37
CA GLU A 413 -17.32 -16.97 -21.65
C GLU A 413 -18.71 -16.41 -21.39
N GLU A 414 -19.49 -17.12 -20.58
CA GLU A 414 -20.87 -16.65 -20.30
C GLU A 414 -20.80 -15.29 -19.58
N LEU A 415 -19.88 -15.11 -18.63
CA LEU A 415 -19.75 -13.83 -17.90
C LEU A 415 -19.35 -12.75 -18.89
N LYS A 416 -18.47 -13.06 -19.85
CA LYS A 416 -18.04 -12.00 -20.81
C LYS A 416 -19.24 -11.57 -21.65
N LYS A 417 -20.20 -12.46 -21.94
CA LYS A 417 -21.31 -12.16 -22.88
C LYS A 417 -22.49 -11.51 -22.12
N SER A 418 -22.73 -11.85 -20.85
CA SER A 418 -24.02 -11.52 -20.16
C SER A 418 -24.01 -10.03 -19.81
N ASP A 419 -25.14 -9.37 -20.01
CA ASP A 419 -25.24 -7.90 -19.87
C ASP A 419 -26.69 -7.54 -19.50
N SER A 420 -26.93 -7.07 -18.29
CA SER A 420 -28.26 -6.56 -17.88
C SER A 420 -28.21 -5.07 -17.51
N LYS A 421 -27.13 -4.38 -17.86
CA LYS A 421 -26.89 -3.00 -17.44
C LYS A 421 -28.06 -2.10 -17.86
N ASP A 422 -28.43 -2.07 -19.14
CA ASP A 422 -29.48 -1.13 -19.60
C ASP A 422 -30.75 -1.33 -18.79
N LYS A 423 -31.20 -2.58 -18.63
CA LYS A 423 -32.43 -2.91 -17.87
C LYS A 423 -32.31 -2.36 -16.43
N VAL A 424 -31.20 -2.62 -15.77
CA VAL A 424 -31.00 -2.27 -14.35
C VAL A 424 -30.86 -0.75 -14.22
N ILE A 425 -30.09 -0.11 -15.11
CA ILE A 425 -29.96 1.37 -15.07
C ILE A 425 -31.32 2.01 -15.30
N SER A 426 -32.12 1.51 -16.25
CA SER A 426 -33.49 2.05 -16.50
C SER A 426 -34.31 1.97 -15.21
N LEU A 427 -34.26 0.87 -14.48
CA LEU A 427 -35.03 0.70 -13.22
C LEU A 427 -34.56 1.73 -12.18
N ILE A 428 -33.25 1.93 -12.02
CA ILE A 428 -32.70 2.90 -11.04
C ILE A 428 -33.21 4.30 -11.42
N GLU A 429 -33.05 4.72 -12.67
CA GLU A 429 -33.50 6.05 -13.14
C GLU A 429 -35.02 6.18 -12.98
N LYS A 430 -35.80 5.15 -13.34
CA LYS A 430 -37.29 5.19 -13.25
C LYS A 430 -37.64 5.40 -11.78
N LEU A 431 -37.04 4.63 -10.87
CA LEU A 431 -37.34 4.72 -9.43
C LEU A 431 -36.95 6.10 -8.91
N ALA A 432 -35.80 6.63 -9.31
CA ALA A 432 -35.30 7.94 -8.86
C ALA A 432 -36.30 9.03 -9.28
N ARG A 433 -36.89 8.93 -10.47
CA ARG A 433 -37.75 10.02 -11.02
C ARG A 433 -39.19 9.88 -10.54
N ASP A 434 -39.71 8.66 -10.58
CA ASP A 434 -41.16 8.39 -10.35
C ASP A 434 -41.40 8.06 -8.87
N LYS A 435 -40.37 7.58 -8.16
CA LYS A 435 -40.42 7.26 -6.72
C LYS A 435 -41.22 5.97 -6.55
N LYS A 436 -41.51 5.27 -7.65
CA LYS A 436 -42.29 4.02 -7.74
C LYS A 436 -41.83 3.26 -8.99
N LEU A 437 -41.94 1.92 -9.02
CA LEU A 437 -41.76 1.10 -10.26
C LEU A 437 -43.09 0.51 -10.77
N LYS B 11 33.73 -16.66 -12.59
CA LYS B 11 33.45 -15.28 -13.11
C LYS B 11 32.16 -14.71 -12.50
N SER B 12 31.06 -15.48 -12.32
CA SER B 12 29.84 -15.05 -11.57
C SER B 12 30.24 -14.70 -10.12
N LEU B 13 29.95 -13.49 -9.65
CA LEU B 13 30.32 -13.09 -8.27
C LEU B 13 29.09 -13.21 -7.35
N LYS B 14 29.31 -13.42 -6.06
CA LYS B 14 28.26 -13.22 -5.04
C LYS B 14 28.43 -11.80 -4.50
N ILE B 15 27.38 -11.01 -4.60
CA ILE B 15 27.42 -9.56 -4.23
C ILE B 15 26.29 -9.30 -3.23
N LEU B 16 26.67 -8.78 -2.05
CA LEU B 16 25.77 -8.56 -0.93
C LEU B 16 25.61 -7.05 -0.71
N PHE B 17 24.37 -6.61 -0.64
CA PHE B 17 23.98 -5.22 -0.35
C PHE B 17 23.36 -5.13 1.03
N THR B 18 23.48 -3.98 1.67
CA THR B 18 22.64 -3.63 2.80
C THR B 18 22.52 -2.11 2.80
N ALA B 19 21.63 -1.60 3.62
CA ALA B 19 21.38 -0.15 3.69
C ALA B 19 20.70 0.24 4.99
N LEU B 20 20.75 1.53 5.31
CA LEU B 20 19.98 2.17 6.36
C LEU B 20 18.48 1.91 6.13
N PHE B 21 17.66 2.22 7.15
CA PHE B 21 16.17 2.09 7.12
C PHE B 21 15.47 2.93 6.07
N GLY B 22 15.98 4.06 5.58
CA GLY B 22 15.10 4.84 4.68
C GLY B 22 14.77 4.16 3.34
N PRO B 23 13.53 4.13 2.83
CA PRO B 23 13.28 3.53 1.51
C PRO B 23 14.11 4.18 0.39
N GLY B 24 14.48 5.45 0.51
CA GLY B 24 15.40 6.11 -0.44
C GLY B 24 16.75 5.40 -0.51
N HIS B 25 17.29 4.97 0.64
CA HIS B 25 18.64 4.32 0.75
C HIS B 25 18.66 2.94 0.11
N LEU B 26 17.51 2.39 -0.17
CA LEU B 26 17.41 1.13 -0.97
C LEU B 26 17.66 1.37 -2.45
N ASN B 27 17.18 2.48 -3.02
CA ASN B 27 17.21 2.70 -4.50
C ASN B 27 18.57 2.50 -5.16
N ALA B 28 19.60 3.21 -4.71
CA ALA B 28 20.89 3.12 -5.43
C ALA B 28 21.38 1.69 -5.37
N CYS B 29 21.23 1.08 -4.20
CA CYS B 29 21.62 -0.34 -4.09
C CYS B 29 20.77 -1.14 -5.08
N LEU B 30 19.46 -0.88 -5.14
CA LEU B 30 18.61 -1.74 -6.03
C LEU B 30 19.07 -1.53 -7.47
N GLY B 31 19.28 -0.26 -7.90
CA GLY B 31 19.77 0.08 -9.27
C GLY B 31 21.12 -0.57 -9.58
N ILE B 32 22.09 -0.48 -8.67
CA ILE B 32 23.43 -1.10 -8.87
C ILE B 32 23.27 -2.62 -8.92
N GLY B 33 22.45 -3.16 -8.03
CA GLY B 33 22.25 -4.60 -8.04
C GLY B 33 21.66 -5.08 -9.35
N SER B 34 20.78 -4.31 -9.94
CA SER B 34 20.14 -4.69 -11.23
C SER B 34 21.20 -4.79 -12.34
N LEU B 35 22.13 -3.83 -12.35
CA LEU B 35 23.20 -3.78 -13.39
C LEU B 35 24.08 -5.03 -13.24
N LEU B 36 24.39 -5.41 -12.00
CA LEU B 36 25.28 -6.55 -11.72
C LEU B 36 24.55 -7.85 -12.06
N ARG B 37 23.27 -7.96 -11.73
CA ARG B 37 22.52 -9.22 -11.99
C ARG B 37 22.48 -9.48 -13.50
N LYS B 38 22.33 -8.43 -14.31
CA LYS B 38 22.35 -8.56 -15.78
C LYS B 38 23.73 -9.03 -16.29
N ARG B 39 24.81 -8.91 -15.50
CA ARG B 39 26.15 -9.43 -15.87
C ARG B 39 26.39 -10.83 -15.28
N GLY B 40 25.35 -11.45 -14.72
CA GLY B 40 25.33 -12.87 -14.34
C GLY B 40 25.70 -13.10 -12.89
N HIS B 41 25.81 -12.03 -12.10
CA HIS B 41 26.23 -12.16 -10.68
C HIS B 41 25.01 -12.50 -9.83
N GLN B 42 25.26 -13.19 -8.72
CA GLN B 42 24.20 -13.53 -7.74
C GLN B 42 24.09 -12.38 -6.75
N ILE B 43 22.92 -11.79 -6.64
CA ILE B 43 22.71 -10.60 -5.77
C ILE B 43 21.97 -10.97 -4.50
N TYR B 44 22.50 -10.60 -3.34
CA TYR B 44 21.89 -10.73 -2.01
C TYR B 44 21.62 -9.34 -1.47
N PHE B 45 20.57 -9.21 -0.68
CA PHE B 45 20.23 -7.93 -0.03
C PHE B 45 19.75 -8.24 1.37
N ALA B 46 20.49 -7.75 2.37
CA ALA B 46 20.15 -7.92 3.80
C ALA B 46 19.41 -6.67 4.25
N HIS B 47 18.16 -6.78 4.69
CA HIS B 47 17.36 -5.62 5.12
C HIS B 47 16.23 -6.09 6.02
N PHE B 48 15.24 -5.26 6.20
CA PHE B 48 14.03 -5.57 6.96
C PHE B 48 12.94 -6.21 6.07
N PRO B 49 12.04 -7.07 6.64
CA PRO B 49 10.99 -7.75 5.86
C PRO B 49 10.06 -6.86 5.02
N ARG B 50 9.86 -5.61 5.45
CA ARG B 50 9.01 -4.67 4.67
C ARG B 50 9.55 -4.52 3.25
N HIS B 51 10.85 -4.75 3.05
CA HIS B 51 11.48 -4.61 1.73
C HIS B 51 11.67 -5.95 1.04
N ARG B 52 11.22 -7.05 1.60
CA ARG B 52 11.40 -8.37 0.91
C ARG B 52 10.77 -8.31 -0.48
N ALA B 53 9.57 -7.77 -0.60
CA ALA B 53 8.79 -7.77 -1.85
C ALA B 53 9.60 -7.13 -2.98
N THR B 54 10.10 -5.90 -2.76
CA THR B 54 10.86 -5.24 -3.81
C THR B 54 12.19 -5.97 -4.07
N ILE B 55 12.91 -6.42 -3.04
CA ILE B 55 14.20 -7.13 -3.20
C ILE B 55 13.98 -8.40 -4.04
N GLU B 56 12.90 -9.15 -3.80
CA GLU B 56 12.68 -10.44 -4.50
C GLU B 56 12.13 -10.19 -5.90
N LYS B 57 11.37 -9.12 -6.08
CA LYS B 57 10.81 -8.79 -7.41
C LYS B 57 12.00 -8.52 -8.37
N HIS B 58 13.11 -7.94 -7.84
CA HIS B 58 14.33 -7.66 -8.63
C HIS B 58 15.12 -8.95 -8.87
N GLY B 59 14.76 -10.06 -8.23
CA GLY B 59 15.49 -11.33 -8.40
C GLY B 59 16.72 -11.36 -7.54
N PHE B 60 16.74 -10.63 -6.43
CA PHE B 60 17.84 -10.69 -5.43
C PHE B 60 17.43 -11.58 -4.27
N LEU B 61 18.35 -12.27 -3.65
CA LEU B 61 18.03 -13.16 -2.51
C LEU B 61 17.90 -12.27 -1.27
N PHE B 62 16.72 -12.32 -0.64
CA PHE B 62 16.39 -11.47 0.54
C PHE B 62 16.97 -12.14 1.79
N ILE B 63 17.70 -11.38 2.61
CA ILE B 63 18.22 -11.88 3.90
C ILE B 63 17.63 -10.94 4.94
N SER B 64 16.92 -11.46 5.95
CA SER B 64 16.32 -10.62 6.99
C SER B 64 17.36 -10.33 8.10
N LEU B 65 17.72 -9.07 8.31
CA LEU B 65 18.62 -8.67 9.44
C LEU B 65 18.12 -9.24 10.76
N LEU B 66 16.80 -9.36 10.94
CA LEU B 66 16.17 -9.85 12.20
C LEU B 66 16.54 -11.30 12.47
N ASP B 67 16.84 -12.08 11.44
CA ASP B 67 17.21 -13.52 11.57
C ASP B 67 18.64 -13.67 12.14
N TYR B 68 19.38 -12.58 12.30
CA TYR B 68 20.84 -12.67 12.64
C TYR B 68 21.18 -11.84 13.86
N ALA B 69 20.20 -11.57 14.72
CA ALA B 69 20.44 -10.71 15.89
C ALA B 69 21.20 -11.49 16.95
N GLU B 70 22.12 -10.81 17.61
CA GLU B 70 22.85 -11.29 18.81
C GLU B 70 21.94 -11.07 20.01
N PRO B 71 21.81 -12.10 20.89
CA PRO B 71 20.80 -12.14 21.95
C PRO B 71 20.52 -10.84 22.74
N GLU B 72 21.55 -10.09 23.14
CA GLU B 72 21.40 -8.86 24.00
C GLU B 72 21.52 -7.58 23.15
N PHE B 73 21.56 -7.69 21.83
CA PHE B 73 21.67 -6.52 20.91
C PHE B 73 20.58 -6.61 19.84
N PRO B 74 19.31 -6.43 20.26
CA PRO B 74 18.21 -6.53 19.30
C PRO B 74 18.45 -5.48 18.20
N ILE B 75 18.03 -5.78 16.98
CA ILE B 75 18.28 -4.87 15.84
C ILE B 75 17.33 -3.69 15.96
N VAL B 76 17.90 -2.48 15.94
CA VAL B 76 17.04 -1.26 16.11
C VAL B 76 16.31 -1.00 14.81
N ASP B 77 14.97 -1.09 14.84
CA ASP B 77 14.13 -0.79 13.66
C ASP B 77 13.64 0.65 13.87
N MET B 78 14.18 1.61 13.12
CA MET B 78 13.82 3.04 13.38
C MET B 78 12.56 3.43 12.60
N LEU B 79 12.15 2.63 11.61
CA LEU B 79 11.00 3.08 10.78
C LEU B 79 9.73 3.23 11.61
N PRO B 80 9.33 2.26 12.47
CA PRO B 80 8.05 2.37 13.20
C PRO B 80 7.93 3.61 14.11
N ASP B 81 9.02 4.12 14.67
CA ASP B 81 9.04 5.29 15.60
C ASP B 81 9.29 6.63 14.87
N ILE B 82 9.46 6.61 13.56
CA ILE B 82 9.98 7.81 12.83
C ILE B 82 9.01 8.99 13.01
N GLY B 83 7.71 8.74 13.23
CA GLY B 83 6.67 9.81 13.41
C GLY B 83 7.03 10.75 14.56
N ILE B 84 7.52 10.17 15.67
CA ILE B 84 7.86 10.93 16.91
C ILE B 84 9.08 11.79 16.63
N ILE B 85 10.14 11.16 16.14
CA ILE B 85 11.41 11.84 15.71
C ILE B 85 11.10 12.95 14.69
N ALA B 86 10.35 12.64 13.64
CA ALA B 86 10.03 13.56 12.51
C ALA B 86 9.22 14.75 13.06
N LYS B 87 8.35 14.53 14.04
CA LYS B 87 7.48 15.59 14.62
C LYS B 87 8.33 16.59 15.41
N PHE B 88 9.24 16.12 16.26
CA PHE B 88 10.21 16.99 16.97
C PHE B 88 11.01 17.80 15.94
N ALA B 89 11.54 17.18 14.87
CA ALA B 89 12.36 17.88 13.86
C ALA B 89 11.50 18.96 13.17
N PHE B 90 10.25 18.62 12.86
CA PHE B 90 9.31 19.57 12.21
C PHE B 90 9.12 20.83 13.09
N GLU B 91 8.87 20.68 14.39
CA GLU B 91 8.61 21.81 15.32
C GLU B 91 9.85 22.68 15.42
N ARG B 92 11.04 22.09 15.40
CA ARG B 92 12.31 22.89 15.39
C ARG B 92 12.40 23.68 14.08
N MET B 93 12.18 23.02 12.93
CA MET B 93 12.35 23.67 11.60
C MET B 93 11.32 24.79 11.43
N HIS B 94 10.11 24.64 11.99
CA HIS B 94 9.03 25.64 11.80
C HIS B 94 9.30 26.85 12.69
N LYS B 95 10.01 26.63 13.81
CA LYS B 95 10.29 27.70 14.80
C LYS B 95 11.63 28.39 14.48
N LEU B 96 12.66 27.67 14.02
CA LEU B 96 14.06 28.19 14.09
C LEU B 96 14.64 28.45 12.70
N THR B 97 15.43 29.51 12.56
CA THR B 97 16.34 29.70 11.39
C THR B 97 17.38 28.58 11.40
N PRO B 98 18.03 28.29 10.26
CA PRO B 98 19.09 27.26 10.25
C PRO B 98 20.19 27.59 11.28
N LEU B 99 20.58 28.87 11.38
CA LEU B 99 21.60 29.27 12.38
C LEU B 99 21.09 28.93 13.79
N GLU B 100 19.83 29.29 14.10
CA GLU B 100 19.26 29.06 15.45
C GLU B 100 19.16 27.56 15.72
N LEU B 101 18.85 26.75 14.69
CA LEU B 101 18.79 25.27 14.82
C LEU B 101 20.13 24.76 15.34
N PHE B 102 21.24 25.21 14.75
CA PHE B 102 22.60 24.75 15.12
C PHE B 102 22.96 25.25 16.54
N ARG B 103 22.68 26.52 16.85
CA ARG B 103 22.89 27.06 18.22
C ARG B 103 22.13 26.21 19.25
N HIS B 104 20.83 25.96 19.06
CA HIS B 104 19.96 25.18 19.98
C HIS B 104 20.48 23.72 20.09
N ALA B 105 21.08 23.18 19.03
CA ALA B 105 21.60 21.78 19.02
C ALA B 105 22.68 21.62 20.12
N SER B 106 23.34 22.73 20.47
CA SER B 106 24.29 22.70 21.61
C SER B 106 25.36 21.62 21.43
N GLY B 107 26.04 21.63 20.29
CA GLY B 107 27.14 20.68 20.06
C GLY B 107 26.67 19.28 19.69
N LYS B 108 25.37 19.04 19.75
CA LYS B 108 24.82 17.70 19.37
C LYS B 108 24.75 17.61 17.84
N HIS B 109 25.01 16.42 17.30
CA HIS B 109 25.06 16.25 15.83
C HIS B 109 23.69 15.85 15.27
N THR B 110 23.43 16.21 14.03
CA THR B 110 22.16 15.96 13.32
C THR B 110 21.77 14.48 13.43
N PHE B 111 22.71 13.55 13.19
CA PHE B 111 22.31 12.11 13.14
C PHE B 111 23.17 11.21 14.05
N ALA B 112 24.05 11.79 14.88
CA ALA B 112 24.95 10.97 15.73
C ALA B 112 24.14 10.10 16.71
N GLY B 113 22.93 10.52 17.07
CA GLY B 113 22.10 9.78 18.04
C GLY B 113 21.81 8.35 17.59
N MET B 114 21.97 8.07 16.30
CA MET B 114 21.69 6.73 15.72
C MET B 114 22.88 5.80 15.87
N VAL B 115 24.07 6.33 16.16
CA VAL B 115 25.29 5.49 16.17
C VAL B 115 25.22 4.43 17.28
N ASN B 116 24.91 4.84 18.51
CA ASN B 116 24.92 3.89 19.65
C ASN B 116 24.03 2.68 19.37
N GLY B 117 22.85 2.90 18.82
CA GLY B 117 21.86 1.84 18.55
C GLY B 117 22.23 0.92 17.38
N SER B 118 23.28 1.21 16.61
CA SER B 118 23.62 0.48 15.37
C SER B 118 24.45 -0.76 15.74
N LYS B 119 24.73 -1.03 17.02
CA LYS B 119 25.55 -2.22 17.40
C LYS B 119 24.84 -3.50 16.94
N GLY B 120 23.54 -3.60 17.16
CA GLY B 120 22.78 -4.83 16.80
C GLY B 120 22.94 -5.19 15.33
N GLU B 121 22.80 -4.20 14.47
CA GLU B 121 22.91 -4.35 13.01
C GLU B 121 24.35 -4.71 12.66
N ASN B 122 25.32 -4.20 13.40
CA ASN B 122 26.73 -4.53 13.11
C ASN B 122 26.95 -6.01 13.41
N TYR B 123 26.46 -6.53 14.54
CA TYR B 123 26.60 -7.99 14.86
C TYR B 123 25.92 -8.81 13.76
N ALA B 124 24.75 -8.39 13.32
CA ALA B 124 23.98 -9.10 12.27
C ALA B 124 24.77 -9.16 10.97
N MET B 125 25.35 -8.07 10.53
CA MET B 125 26.10 -8.09 9.25
C MET B 125 27.38 -8.92 9.37
N MET B 126 28.04 -8.91 10.54
CA MET B 126 29.19 -9.78 10.77
C MET B 126 28.77 -11.24 10.50
N LYS B 127 27.64 -11.64 11.04
CA LYS B 127 27.18 -13.04 10.94
C LYS B 127 26.72 -13.34 9.52
N ILE B 128 26.03 -12.41 8.90
CA ILE B 128 25.51 -12.62 7.51
C ILE B 128 26.68 -12.79 6.55
N VAL B 129 27.69 -11.93 6.62
CA VAL B 129 28.82 -11.98 5.65
C VAL B 129 29.60 -13.29 5.89
N LYS B 130 29.74 -13.71 7.14
CA LYS B 130 30.40 -15.00 7.47
C LYS B 130 29.62 -16.15 6.85
N GLU B 131 28.29 -16.14 6.92
CA GLU B 131 27.48 -17.30 6.47
C GLU B 131 27.47 -17.32 4.94
N TYR B 132 27.25 -16.18 4.29
CA TYR B 132 26.95 -16.09 2.84
C TYR B 132 28.24 -15.98 2.02
N LYS B 133 29.34 -15.60 2.64
CA LYS B 133 30.67 -15.48 1.99
C LYS B 133 30.56 -14.81 0.62
N PRO B 134 30.05 -13.57 0.53
CA PRO B 134 30.08 -12.85 -0.72
C PRO B 134 31.53 -12.49 -1.11
N ASP B 135 31.72 -12.21 -2.39
CA ASP B 135 33.01 -11.76 -2.96
C ASP B 135 33.20 -10.27 -2.66
N VAL B 136 32.11 -9.51 -2.57
CA VAL B 136 32.15 -8.06 -2.25
C VAL B 136 30.85 -7.69 -1.58
N CYS B 137 30.88 -6.69 -0.71
CA CYS B 137 29.64 -6.11 -0.16
C CYS B 137 29.56 -4.63 -0.52
N LEU B 138 28.35 -4.11 -0.62
CA LEU B 138 28.02 -2.69 -0.79
C LEU B 138 27.07 -2.28 0.33
N ALA B 139 27.27 -1.08 0.89
CA ALA B 139 26.41 -0.63 1.99
C ALA B 139 26.13 0.86 1.90
N ASP B 140 24.86 1.21 2.01
CA ASP B 140 24.41 2.64 2.02
C ASP B 140 23.98 3.05 3.42
N TYR B 141 24.91 3.63 4.19
CA TYR B 141 24.69 4.08 5.57
C TYR B 141 24.95 5.59 5.65
N LEU B 142 24.62 6.20 6.76
CA LEU B 142 24.94 7.62 7.05
C LEU B 142 26.42 7.72 7.51
N PHE B 143 26.98 6.63 8.03
CA PHE B 143 28.35 6.61 8.62
C PHE B 143 28.87 5.19 8.49
N ASN B 144 30.18 5.07 8.37
CA ASN B 144 30.86 3.75 8.27
C ASN B 144 30.61 2.95 9.55
N MET B 145 30.56 1.64 9.36
CA MET B 145 30.28 0.72 10.47
C MET B 145 31.46 -0.26 10.66
N PRO B 146 31.81 -0.70 11.89
CA PRO B 146 32.97 -1.56 12.13
C PRO B 146 33.00 -2.82 11.25
N TRP B 147 31.84 -3.43 10.96
CA TRP B 147 31.78 -4.70 10.20
C TRP B 147 32.45 -4.53 8.83
N MET B 148 32.34 -3.33 8.25
CA MET B 148 32.88 -3.07 6.90
C MET B 148 34.42 -3.20 6.88
N PHE B 149 35.04 -3.25 8.05
CA PHE B 149 36.52 -3.31 8.13
C PHE B 149 36.97 -4.60 8.82
N THR B 150 36.01 -5.47 9.17
CA THR B 150 36.36 -6.75 9.85
C THR B 150 36.06 -7.96 8.98
N VAL B 151 35.12 -7.84 8.06
CA VAL B 151 34.72 -9.02 7.26
C VAL B 151 35.83 -9.36 6.28
N ASP B 152 35.79 -10.62 5.82
CA ASP B 152 36.85 -11.21 4.98
C ASP B 152 36.67 -10.88 3.50
N CYS B 153 35.98 -9.78 3.11
CA CYS B 153 35.87 -9.37 1.68
C CYS B 153 35.91 -7.86 1.61
N PRO B 154 36.17 -7.26 0.43
CA PRO B 154 36.08 -5.80 0.29
C PRO B 154 34.67 -5.31 0.52
N VAL B 155 34.52 -4.08 0.98
CA VAL B 155 33.21 -3.46 1.24
C VAL B 155 33.23 -2.06 0.65
N ILE B 156 32.27 -1.80 -0.23
CA ILE B 156 32.12 -0.50 -0.93
C ILE B 156 31.04 0.32 -0.25
N PRO B 157 31.35 1.47 0.37
CA PRO B 157 30.29 2.36 0.80
C PRO B 157 29.60 2.99 -0.41
N VAL B 158 28.27 3.07 -0.33
CA VAL B 158 27.37 3.62 -1.35
C VAL B 158 26.73 4.83 -0.67
N LYS B 159 26.70 5.98 -1.34
CA LYS B 159 26.18 7.21 -0.74
C LYS B 159 25.13 7.81 -1.70
N SER B 160 23.99 8.12 -1.15
CA SER B 160 22.81 8.66 -1.85
C SER B 160 22.42 10.02 -1.22
N VAL B 161 22.97 10.40 -0.08
CA VAL B 161 22.75 11.77 0.47
C VAL B 161 23.52 12.79 -0.38
N ASN B 162 23.15 14.04 -0.22
CA ASN B 162 23.92 15.17 -0.82
C ASN B 162 25.42 14.98 -0.58
N PRO B 163 26.27 14.94 -1.63
CA PRO B 163 27.69 14.60 -1.46
C PRO B 163 28.68 15.74 -1.08
N ILE B 164 28.17 16.88 -0.63
CA ILE B 164 29.05 18.01 -0.20
C ILE B 164 29.99 17.52 0.91
N GLU B 165 29.55 16.54 1.69
CA GLU B 165 30.39 15.98 2.78
C GLU B 165 31.66 15.30 2.25
N LEU B 166 31.72 14.96 0.96
CA LEU B 166 32.90 14.27 0.38
C LEU B 166 33.94 15.31 -0.07
N TYR B 167 33.64 16.59 0.06
CA TYR B 167 34.52 17.67 -0.43
C TYR B 167 35.07 18.44 0.76
N ASN B 168 36.08 19.26 0.49
CA ASN B 168 36.72 20.14 1.49
C ASN B 168 36.17 21.56 1.33
N GLY B 169 34.86 21.73 1.42
CA GLY B 169 34.21 23.05 1.21
C GLY B 169 33.30 23.37 2.38
N PRO B 170 32.14 23.97 2.14
CA PRO B 170 31.21 24.28 3.21
C PRO B 170 30.81 23.00 3.94
N PRO B 171 30.62 23.07 5.27
CA PRO B 171 30.17 21.91 6.03
C PRO B 171 28.83 21.39 5.49
N ALA B 172 28.69 20.06 5.51
CA ALA B 172 27.43 19.39 5.15
C ALA B 172 26.36 19.74 6.20
N LEU B 173 25.10 19.59 5.80
CA LEU B 173 23.89 19.66 6.66
C LEU B 173 23.55 21.10 7.06
N THR B 174 24.16 22.10 6.45
CA THR B 174 23.88 23.52 6.84
C THR B 174 23.04 24.23 5.78
N GLY B 175 23.07 23.77 4.52
CA GLY B 175 22.36 24.43 3.42
C GLY B 175 22.99 25.76 3.09
N CYS B 176 24.32 25.85 3.22
CA CYS B 176 25.10 27.05 2.84
C CYS B 176 24.94 27.29 1.33
N SER B 177 24.73 28.53 0.95
CA SER B 177 24.67 28.98 -0.48
C SER B 177 26.08 29.36 -0.96
N ILE B 178 26.36 29.16 -2.26
CA ILE B 178 27.56 29.69 -2.97
C ILE B 178 27.52 31.23 -2.88
N HIS B 179 26.37 31.84 -2.64
CA HIS B 179 26.26 33.32 -2.59
C HIS B 179 26.38 33.89 -1.18
N ASP B 180 26.46 33.06 -0.14
CA ASP B 180 26.54 33.57 1.26
C ASP B 180 27.92 34.19 1.49
N PRO B 181 28.01 35.47 1.92
CA PRO B 181 29.28 36.06 2.34
C PRO B 181 29.94 35.38 3.54
N PRO B 182 31.28 35.52 3.70
CA PRO B 182 31.98 34.95 4.85
C PRO B 182 31.39 35.40 6.20
N SER B 183 30.97 36.65 6.32
CA SER B 183 30.38 37.17 7.59
C SER B 183 29.08 36.41 7.90
N VAL B 184 28.25 36.09 6.91
CA VAL B 184 26.93 35.43 7.16
C VAL B 184 27.15 33.94 7.50
N ARG B 185 28.23 33.34 7.00
CA ARG B 185 28.49 31.87 7.03
C ARG B 185 29.20 31.47 8.34
N GLU B 186 30.21 32.26 8.74
CA GLU B 186 31.34 31.89 9.62
C GLU B 186 30.82 31.18 10.87
N GLU B 187 29.69 31.65 11.42
CA GLU B 187 29.17 31.12 12.71
C GLU B 187 28.55 29.75 12.46
N ILE B 188 27.44 29.70 11.70
CA ILE B 188 26.70 28.44 11.42
C ILE B 188 27.76 27.37 11.09
N GLU B 189 28.82 27.72 10.36
CA GLU B 189 29.92 26.78 10.00
C GLU B 189 30.78 26.41 11.22
N GLN B 190 31.22 27.36 12.09
CA GLN B 190 31.93 27.01 13.37
C GLN B 190 31.12 25.95 14.13
N LEU B 191 29.82 26.17 14.27
CA LEU B 191 28.89 25.27 15.00
C LEU B 191 28.81 23.90 14.33
N ALA B 192 28.68 23.85 12.99
CA ALA B 192 28.60 22.58 12.25
C ALA B 192 29.89 21.80 12.52
N ARG B 193 31.05 22.47 12.56
CA ARG B 193 32.34 21.74 12.78
C ARG B 193 32.43 21.22 14.23
N LYS B 194 31.92 21.95 15.22
CA LYS B 194 31.85 21.48 16.63
C LYS B 194 30.97 20.22 16.70
N SER B 195 29.87 20.20 15.97
CA SER B 195 28.91 19.08 16.02
C SER B 195 29.52 17.84 15.33
N GLU B 196 30.35 18.03 14.29
CA GLU B 196 31.08 16.89 13.65
C GLU B 196 31.93 16.18 14.71
N LEU B 197 32.41 16.90 15.72
CA LEU B 197 33.25 16.23 16.77
C LEU B 197 32.39 15.29 17.62
N GLU B 198 31.11 15.60 17.84
CA GLU B 198 30.20 14.67 18.57
C GLU B 198 29.95 13.42 17.70
N LEU B 199 29.80 13.55 16.37
CA LEU B 199 29.69 12.35 15.49
C LEU B 199 30.95 11.51 15.68
N GLU B 200 32.12 12.14 15.63
CA GLU B 200 33.37 11.38 15.80
C GLU B 200 33.42 10.68 17.17
N SER B 201 32.96 11.31 18.25
CA SER B 201 33.10 10.66 19.58
C SER B 201 32.10 9.51 19.70
N GLU B 202 30.93 9.59 19.09
CA GLU B 202 29.97 8.46 19.09
C GLU B 202 30.55 7.33 18.24
N LEU B 203 31.16 7.66 17.09
CA LEU B 203 31.74 6.60 16.23
C LEU B 203 32.88 5.92 16.96
N GLU B 204 33.67 6.69 17.71
CA GLU B 204 34.81 6.08 18.45
C GLU B 204 34.30 5.00 19.42
N LYS B 205 33.19 5.24 20.10
CA LYS B 205 32.59 4.30 21.06
C LYS B 205 32.08 3.07 20.32
N LEU B 206 31.47 3.24 19.17
CA LEU B 206 30.94 2.11 18.38
C LEU B 206 32.09 1.23 17.89
N PHE B 207 33.15 1.86 17.34
CA PHE B 207 34.32 1.12 16.85
C PHE B 207 35.04 0.46 18.04
N ALA B 208 35.14 1.10 19.19
CA ALA B 208 35.83 0.53 20.38
C ALA B 208 35.06 -0.70 20.87
N HIS B 209 33.74 -0.66 20.75
CA HIS B 209 32.89 -1.77 21.24
C HIS B 209 33.31 -3.04 20.48
N PHE B 210 33.61 -2.92 19.18
CA PHE B 210 33.91 -4.07 18.28
C PHE B 210 35.41 -4.28 18.18
N ASN B 211 36.20 -3.46 18.86
CA ASN B 211 37.68 -3.58 18.86
C ASN B 211 38.21 -3.31 17.46
N VAL B 212 37.65 -2.32 16.75
CA VAL B 212 38.09 -1.98 15.39
C VAL B 212 38.70 -0.59 15.41
N PRO B 213 39.87 -0.39 14.77
CA PRO B 213 40.43 0.95 14.73
C PRO B 213 39.45 1.89 14.03
N LEU B 214 39.24 3.08 14.60
CA LEU B 214 38.33 4.08 14.05
C LEU B 214 38.84 4.61 12.71
N VAL B 215 37.92 4.75 11.76
CA VAL B 215 38.13 5.43 10.46
C VAL B 215 37.22 6.65 10.40
N SER B 216 37.48 7.53 9.47
CA SER B 216 36.59 8.66 9.13
C SER B 216 35.20 8.12 8.74
N TYR B 217 34.13 8.81 9.11
CA TYR B 217 32.74 8.32 8.88
C TYR B 217 32.44 8.10 7.40
N ASN B 218 33.15 8.77 6.49
CA ASN B 218 32.90 8.59 5.02
C ASN B 218 34.19 8.27 4.25
N TYR B 219 35.12 7.61 4.93
CA TYR B 219 36.31 6.96 4.34
C TYR B 219 35.88 5.86 3.39
N ALA B 220 36.45 5.83 2.22
CA ALA B 220 36.34 4.68 1.30
C ALA B 220 37.71 4.03 1.20
N GLN B 221 37.85 2.84 1.79
CA GLN B 221 39.19 2.18 1.84
C GLN B 221 39.71 1.93 0.43
N GLN B 222 38.91 1.35 -0.48
CA GLN B 222 39.34 0.97 -1.85
C GLN B 222 38.51 1.66 -2.91
N LEU B 223 37.21 1.76 -2.67
CA LEU B 223 36.20 2.22 -3.63
C LEU B 223 34.97 2.65 -2.85
N GLY B 224 34.45 3.81 -3.19
CA GLY B 224 33.18 4.36 -2.74
C GLY B 224 32.40 4.78 -3.97
N ILE B 225 31.07 4.62 -3.96
CA ILE B 225 30.17 5.01 -5.07
C ILE B 225 29.16 5.98 -4.53
N TYR B 226 29.14 7.19 -5.07
CA TYR B 226 28.12 8.18 -4.68
C TYR B 226 27.23 8.47 -5.89
N ILE B 227 25.96 8.77 -5.61
CA ILE B 227 24.90 8.89 -6.65
C ILE B 227 24.38 10.30 -6.51
N TYR B 228 24.66 11.13 -7.50
CA TYR B 228 24.20 12.53 -7.51
C TYR B 228 24.25 13.03 -8.93
N PRO B 229 23.31 13.88 -9.40
CA PRO B 229 23.38 14.33 -10.80
C PRO B 229 24.67 15.10 -11.10
N GLY B 230 25.41 14.69 -12.13
CA GLY B 230 26.67 15.31 -12.53
C GLY B 230 26.56 16.83 -12.61
N PRO B 231 25.52 17.37 -13.28
CA PRO B 231 25.37 18.82 -13.38
C PRO B 231 25.16 19.50 -12.02
N LEU B 232 24.80 18.78 -10.95
CA LEU B 232 24.67 19.42 -9.60
C LEU B 232 25.90 19.17 -8.72
N ASP B 233 26.78 18.28 -9.13
CA ASP B 233 27.94 17.85 -8.29
C ASP B 233 28.86 19.06 -8.05
N TYR B 234 29.66 19.02 -7.00
CA TYR B 234 30.37 20.20 -6.45
C TYR B 234 31.69 20.39 -7.20
N LYS B 235 31.62 20.54 -8.51
CA LYS B 235 32.78 20.82 -9.42
C LYS B 235 33.60 22.00 -8.89
N GLU B 236 32.96 23.02 -8.31
CA GLU B 236 33.64 24.23 -7.83
C GLU B 236 34.49 23.93 -6.58
N LEU B 237 34.35 22.75 -5.96
CA LEU B 237 35.07 22.39 -4.71
C LEU B 237 36.24 21.46 -5.06
N GLY B 238 36.37 21.11 -6.33
CA GLY B 238 37.41 20.21 -6.84
C GLY B 238 36.88 18.80 -6.89
N SER B 239 37.60 17.86 -6.34
CA SER B 239 37.27 16.43 -6.47
C SER B 239 36.94 15.88 -5.09
N PRO B 240 36.09 14.82 -5.06
CA PRO B 240 35.74 14.23 -3.79
C PRO B 240 36.93 13.46 -3.24
N LYS B 241 36.72 12.98 -2.00
CA LYS B 241 37.72 12.17 -1.27
C LYS B 241 38.25 11.00 -2.09
N GLU B 242 39.40 10.46 -1.71
CA GLU B 242 40.07 9.39 -2.47
C GLU B 242 39.17 8.15 -2.58
N ASN B 243 39.13 7.53 -3.75
CA ASN B 243 38.41 6.24 -3.96
C ASN B 243 36.91 6.45 -4.22
N TRP B 244 36.42 7.69 -4.16
CA TRP B 244 34.97 7.95 -4.37
C TRP B 244 34.71 8.21 -5.85
N VAL B 245 33.80 7.45 -6.46
CA VAL B 245 33.43 7.61 -7.89
C VAL B 245 31.93 7.87 -8.00
N ARG B 246 31.51 8.60 -9.03
CA ARG B 246 30.08 9.00 -9.11
C ARG B 246 29.21 8.25 -10.14
N LEU B 247 27.94 8.00 -9.79
CA LEU B 247 26.90 7.49 -10.72
C LEU B 247 25.86 8.62 -10.72
N ASP B 248 25.56 9.23 -11.87
CA ASP B 248 24.69 10.43 -11.87
C ASP B 248 23.26 10.07 -11.40
N SER B 249 22.87 8.80 -11.58
CA SER B 249 21.49 8.39 -11.19
C SER B 249 21.39 6.89 -10.92
N SER B 250 20.44 6.50 -10.08
CA SER B 250 20.13 5.07 -9.79
C SER B 250 18.62 4.90 -9.53
N ASN B 258 2.26 3.90 -16.69
CA ASN B 258 1.31 4.84 -17.36
C ASN B 258 0.21 5.29 -16.38
N PHE B 259 0.46 6.39 -15.69
CA PHE B 259 -0.34 6.90 -14.55
C PHE B 259 -1.71 7.37 -15.05
N GLU B 260 -2.81 6.84 -14.52
CA GLU B 260 -4.17 7.34 -14.91
C GLU B 260 -4.55 8.50 -13.97
N LEU B 261 -4.84 9.67 -14.52
CA LEU B 261 -5.26 10.87 -13.75
C LEU B 261 -6.62 10.60 -13.10
N PRO B 262 -6.79 10.95 -11.82
CA PRO B 262 -8.09 10.76 -11.17
C PRO B 262 -9.20 11.65 -11.75
N GLU B 263 -10.40 11.09 -11.86
CA GLU B 263 -11.55 11.80 -12.48
C GLU B 263 -11.85 13.06 -11.68
N LYS B 264 -11.58 13.09 -10.38
CA LYS B 264 -11.88 14.31 -9.58
C LYS B 264 -11.23 15.55 -10.22
N LEU B 265 -10.06 15.37 -10.83
CA LEU B 265 -9.23 16.52 -11.33
C LEU B 265 -9.52 16.86 -12.80
N LYS B 266 -10.36 16.09 -13.51
CA LYS B 266 -10.63 16.32 -14.97
C LYS B 266 -11.27 17.70 -15.20
N ASP B 267 -10.81 18.48 -16.18
CA ASP B 267 -11.46 19.78 -16.52
C ASP B 267 -11.47 20.73 -15.29
N LYS B 268 -10.66 20.50 -14.24
CA LYS B 268 -10.31 21.54 -13.23
C LYS B 268 -9.21 22.38 -13.85
N PRO B 269 -9.11 23.69 -13.58
CA PRO B 269 -8.16 24.54 -14.29
C PRO B 269 -6.73 24.43 -13.77
N GLY B 270 -5.80 24.89 -14.61
CA GLY B 270 -4.40 25.12 -14.26
C GLY B 270 -3.52 23.93 -14.54
N LYS B 271 -2.31 23.97 -14.02
CA LYS B 271 -1.26 22.99 -14.29
C LYS B 271 -1.40 21.82 -13.30
N LEU B 272 -0.61 20.78 -13.52
CA LEU B 272 -0.68 19.58 -12.63
C LEU B 272 0.59 19.60 -11.77
N ILE B 273 0.41 19.58 -10.46
CA ILE B 273 1.51 19.72 -9.46
C ILE B 273 1.52 18.53 -8.54
N TYR B 274 2.68 17.94 -8.31
CA TYR B 274 2.83 16.78 -7.40
C TYR B 274 3.36 17.35 -6.09
N VAL B 275 2.77 16.97 -4.97
CA VAL B 275 3.23 17.37 -3.62
C VAL B 275 3.64 16.14 -2.82
N SER B 276 4.91 16.03 -2.43
CA SER B 276 5.36 14.98 -1.52
C SER B 276 6.43 15.51 -0.58
N MET B 277 6.21 15.31 0.71
CA MET B 277 7.24 15.68 1.71
C MET B 277 8.08 14.43 2.02
N GLY B 278 7.89 13.38 1.21
CA GLY B 278 8.72 12.18 1.37
C GLY B 278 8.11 11.13 2.26
N SER B 279 8.63 9.91 2.15
CA SER B 279 8.08 8.76 2.89
C SER B 279 8.10 9.00 4.40
N LEU B 280 9.17 9.57 4.93
CA LEU B 280 9.31 9.70 6.40
C LEU B 280 8.62 10.96 6.95
N ALA B 281 8.95 12.13 6.42
CA ALA B 281 8.40 13.40 6.98
C ALA B 281 6.88 13.46 6.82
N SER B 282 6.32 12.77 5.84
CA SER B 282 4.85 12.80 5.59
C SER B 282 4.08 12.13 6.73
N ALA B 283 4.73 11.39 7.64
CA ALA B 283 4.10 10.83 8.85
C ALA B 283 3.59 11.98 9.74
N VAL B 284 4.18 13.17 9.60
CA VAL B 284 3.87 14.33 10.48
C VAL B 284 2.67 15.05 9.85
N THR B 285 1.47 14.73 10.29
CA THR B 285 0.24 15.21 9.58
C THR B 285 0.25 16.76 9.65
N GLU B 286 0.87 17.35 10.67
CA GLU B 286 0.86 18.83 10.86
C GLU B 286 1.61 19.49 9.69
N LEU B 287 2.60 18.81 9.13
CA LEU B 287 3.45 19.36 8.05
C LEU B 287 2.58 19.42 6.79
N LEU B 288 1.96 18.30 6.41
CA LEU B 288 1.12 18.29 5.20
C LEU B 288 -0.03 19.29 5.35
N THR B 289 -0.68 19.31 6.50
CA THR B 289 -1.79 20.25 6.74
C THR B 289 -1.32 21.67 6.44
N MET B 290 -0.17 22.06 6.98
CA MET B 290 0.30 23.48 6.85
C MET B 290 0.53 23.82 5.37
N ILE B 291 1.06 22.87 4.58
CA ILE B 291 1.28 23.08 3.11
C ILE B 291 -0.07 23.07 2.36
N LEU B 292 -0.95 22.13 2.63
CA LEU B 292 -2.14 21.90 1.74
C LEU B 292 -3.16 23.01 1.95
N THR B 293 -3.30 23.54 3.16
CA THR B 293 -4.42 24.46 3.47
C THR B 293 -4.44 25.59 2.45
N PRO B 294 -3.33 26.35 2.27
CA PRO B 294 -3.33 27.44 1.30
C PRO B 294 -3.42 26.99 -0.16
N LEU B 295 -3.07 25.73 -0.47
CA LEU B 295 -3.07 25.27 -1.89
C LEU B 295 -4.52 25.12 -2.36
N ALA B 296 -5.47 25.05 -1.42
CA ALA B 296 -6.92 25.06 -1.71
C ALA B 296 -7.24 26.23 -2.63
N ASN B 297 -6.53 27.37 -2.51
CA ASN B 297 -6.83 28.59 -3.32
C ASN B 297 -5.80 28.80 -4.45
N SER B 298 -4.85 27.89 -4.67
CA SER B 298 -3.93 27.92 -5.83
C SER B 298 -4.70 27.38 -7.04
N PRO B 299 -4.74 28.09 -8.18
CA PRO B 299 -5.56 27.70 -9.33
C PRO B 299 -4.93 26.61 -10.21
N HIS B 300 -4.61 25.47 -9.58
CA HIS B 300 -3.93 24.35 -10.26
C HIS B 300 -4.54 23.06 -9.76
N ARG B 301 -4.09 21.93 -10.29
CA ARG B 301 -4.54 20.60 -9.84
C ARG B 301 -3.37 19.95 -9.10
N PHE B 302 -3.62 19.35 -7.96
CA PHE B 302 -2.57 18.77 -7.09
C PHE B 302 -2.81 17.28 -6.96
N ILE B 303 -1.73 16.51 -7.11
CA ILE B 303 -1.72 15.09 -6.68
C ILE B 303 -0.82 15.01 -5.46
N VAL B 304 -1.31 14.44 -4.39
CA VAL B 304 -0.63 14.50 -3.07
C VAL B 304 -0.30 13.10 -2.59
N SER B 305 0.96 12.88 -2.23
CA SER B 305 1.39 11.71 -1.41
C SER B 305 1.03 12.04 0.05
N THR B 306 0.01 11.43 0.62
CA THR B 306 -0.54 11.81 1.94
C THR B 306 0.23 11.14 3.08
N GLY B 307 1.01 10.13 2.79
CA GLY B 307 1.81 9.43 3.81
C GLY B 307 1.00 8.44 4.65
N PRO B 308 1.63 7.79 5.65
CA PRO B 308 1.01 6.69 6.40
C PRO B 308 -0.19 7.14 7.27
N ASN B 309 -0.29 8.42 7.61
CA ASN B 309 -1.45 8.97 8.37
C ASN B 309 -2.37 9.74 7.42
N GLY B 310 -2.25 9.47 6.12
CA GLY B 310 -2.89 10.25 5.05
C GLY B 310 -4.40 10.27 5.14
N ASP B 311 -5.03 9.26 5.71
CA ASP B 311 -6.50 9.24 5.80
C ASP B 311 -6.99 10.33 6.79
N SER B 312 -6.13 10.86 7.65
CA SER B 312 -6.42 11.96 8.63
C SER B 312 -6.23 13.31 7.96
N ILE B 313 -5.70 13.36 6.74
CA ILE B 313 -5.34 14.64 6.09
C ILE B 313 -6.48 15.10 5.21
N LYS B 314 -6.91 16.35 5.37
CA LYS B 314 -8.02 16.91 4.57
C LYS B 314 -7.53 17.23 3.16
N LEU B 315 -8.30 16.87 2.14
CA LEU B 315 -8.03 17.28 0.73
C LEU B 315 -9.14 18.21 0.24
N TYR B 316 -8.79 19.13 -0.64
CA TYR B 316 -9.73 20.11 -1.22
C TYR B 316 -10.13 19.70 -2.63
N ASP B 317 -11.03 20.49 -3.21
CA ASP B 317 -11.68 20.21 -4.52
C ASP B 317 -10.65 20.11 -5.65
N ASN B 318 -9.49 20.78 -5.52
CA ASN B 318 -8.43 20.77 -6.56
C ASN B 318 -7.35 19.73 -6.23
N MET B 319 -7.62 18.76 -5.37
CA MET B 319 -6.57 17.80 -4.97
C MET B 319 -7.07 16.36 -5.00
N TRP B 320 -6.18 15.48 -5.36
CA TRP B 320 -6.41 14.03 -5.18
C TRP B 320 -5.18 13.48 -4.47
N GLY B 321 -5.36 12.51 -3.60
CA GLY B 321 -4.16 11.93 -2.95
C GLY B 321 -4.38 10.53 -2.48
N ASP B 322 -3.29 9.86 -2.21
CA ASP B 322 -3.29 8.55 -1.54
C ASP B 322 -2.00 8.41 -0.75
N LYS B 323 -1.94 7.46 0.16
CA LYS B 323 -0.85 7.31 1.16
C LYS B 323 0.48 7.15 0.44
N PHE B 324 0.54 6.36 -0.65
CA PHE B 324 1.77 6.07 -1.40
C PHE B 324 1.44 6.11 -2.91
N ILE B 325 2.06 7.05 -3.63
CA ILE B 325 1.78 7.37 -5.07
C ILE B 325 2.81 6.59 -5.88
N ASN B 326 2.48 6.15 -7.10
CA ASN B 326 3.49 5.71 -8.08
C ASN B 326 4.23 6.95 -8.60
N GLN B 327 5.25 7.38 -7.88
CA GLN B 327 5.93 8.67 -8.10
C GLN B 327 6.64 8.68 -9.45
N VAL B 328 7.32 7.60 -9.82
CA VAL B 328 8.09 7.59 -11.10
C VAL B 328 7.13 7.55 -12.28
N ALA B 329 5.97 6.91 -12.17
CA ALA B 329 4.97 6.93 -13.27
C ALA B 329 4.32 8.31 -13.38
N LEU B 330 4.09 8.97 -12.24
CA LEU B 330 3.40 10.27 -12.21
C LEU B 330 4.29 11.40 -12.77
N LEU B 331 5.58 11.42 -12.45
CA LEU B 331 6.40 12.64 -12.65
C LEU B 331 6.39 13.16 -14.11
N PRO B 332 6.44 12.32 -15.17
CA PRO B 332 6.38 12.82 -16.55
C PRO B 332 5.12 13.66 -16.86
N LYS B 333 4.03 13.42 -16.14
CA LYS B 333 2.71 14.03 -16.42
C LYS B 333 2.58 15.38 -15.72
N VAL B 334 3.43 15.70 -14.74
CA VAL B 334 3.26 16.95 -13.96
C VAL B 334 4.03 18.10 -14.59
N ASP B 335 3.74 19.30 -14.10
CA ASP B 335 4.43 20.55 -14.49
C ASP B 335 5.39 21.08 -13.40
N LEU B 336 5.31 20.54 -12.17
CA LEU B 336 6.02 21.11 -10.99
C LEU B 336 5.95 20.08 -9.89
N PHE B 337 7.03 19.97 -9.11
CA PHE B 337 7.18 19.04 -7.99
C PHE B 337 7.53 19.85 -6.74
N ILE B 338 6.61 19.88 -5.79
CA ILE B 338 6.83 20.43 -4.44
C ILE B 338 7.33 19.26 -3.59
N THR B 339 8.55 19.41 -3.11
CA THR B 339 9.33 18.30 -2.51
C THR B 339 9.96 18.76 -1.19
N HIS B 340 10.36 17.81 -0.35
CA HIS B 340 11.18 18.01 0.87
C HIS B 340 12.67 18.18 0.48
N GLY B 341 13.05 17.88 -0.76
CA GLY B 341 14.44 18.04 -1.20
C GLY B 341 15.26 16.80 -0.97
N GLY B 342 14.64 15.65 -0.69
CA GLY B 342 15.43 14.40 -0.54
C GLY B 342 16.13 14.08 -1.85
N SER B 343 17.27 13.39 -1.82
CA SER B 343 18.10 13.16 -3.04
C SER B 343 17.33 12.28 -4.04
N ASN B 344 16.58 11.29 -3.57
CA ASN B 344 15.90 10.38 -4.55
C ASN B 344 14.83 11.18 -5.30
N SER B 345 14.08 12.02 -4.58
CA SER B 345 13.03 12.82 -5.21
C SER B 345 13.65 13.85 -6.14
N LEU B 346 14.76 14.45 -5.74
CA LEU B 346 15.53 15.41 -6.58
C LEU B 346 15.93 14.71 -7.91
N ILE B 347 16.55 13.54 -7.85
CA ILE B 347 17.07 12.91 -9.09
C ILE B 347 15.88 12.44 -9.94
N GLU B 348 14.81 11.96 -9.31
CA GLU B 348 13.62 11.48 -10.08
C GLU B 348 12.99 12.70 -10.78
N GLY B 349 12.84 13.80 -10.04
CA GLY B 349 12.26 15.03 -10.57
C GLY B 349 13.06 15.54 -11.76
N LEU B 350 14.38 15.63 -11.64
CA LEU B 350 15.24 16.21 -12.70
C LEU B 350 15.32 15.20 -13.85
N THR B 351 15.37 13.90 -13.58
CA THR B 351 15.32 12.87 -14.66
C THR B 351 14.06 13.10 -15.52
N ALA B 352 12.92 13.38 -14.88
CA ALA B 352 11.64 13.63 -15.60
C ALA B 352 11.66 15.03 -16.23
N GLY B 353 12.58 15.89 -15.83
CA GLY B 353 12.66 17.24 -16.41
C GLY B 353 11.67 18.20 -15.77
N LYS B 354 11.40 18.07 -14.47
CA LYS B 354 10.44 18.97 -13.79
C LYS B 354 11.12 19.87 -12.78
N PRO B 355 10.78 21.18 -12.76
CA PRO B 355 11.31 22.12 -11.79
C PRO B 355 10.71 21.87 -10.40
N LEU B 356 11.49 22.26 -9.39
CA LEU B 356 11.27 21.91 -7.97
C LEU B 356 10.98 23.15 -7.12
N ILE B 357 10.07 23.00 -6.18
CA ILE B 357 10.05 23.87 -4.97
C ILE B 357 10.41 22.98 -3.79
N ALA B 358 11.56 23.26 -3.18
CA ALA B 358 12.07 22.45 -2.06
C ALA B 358 11.74 23.09 -0.72
N ILE B 359 11.11 22.32 0.18
CA ILE B 359 10.80 22.74 1.57
C ILE B 359 11.54 21.78 2.47
N PRO B 360 12.83 22.04 2.78
CA PRO B 360 13.64 21.01 3.42
C PRO B 360 13.19 20.74 4.87
N GLN B 361 13.31 19.48 5.30
CA GLN B 361 12.83 19.01 6.64
C GLN B 361 14.00 18.60 7.54
N PHE B 362 15.09 18.02 7.00
CA PHE B 362 16.10 17.39 7.86
C PHE B 362 17.41 17.17 7.12
N GLY B 363 18.53 17.36 7.82
CA GLY B 363 19.89 17.02 7.34
C GLY B 363 20.22 17.45 5.93
N ASP B 364 20.60 16.49 5.09
CA ASP B 364 21.17 16.76 3.75
C ASP B 364 20.11 17.38 2.84
N GLN B 365 18.82 17.33 3.21
CA GLN B 365 17.77 18.02 2.41
C GLN B 365 18.05 19.52 2.36
N LEU B 366 18.62 20.10 3.41
CA LEU B 366 18.96 21.55 3.40
C LEU B 366 20.00 21.83 2.30
N ASP B 367 21.01 20.95 2.16
CA ASP B 367 22.08 21.10 1.12
C ASP B 367 21.43 20.97 -0.27
N ASN B 368 20.57 19.99 -0.49
CA ASN B 368 19.89 19.75 -1.78
C ASN B 368 18.99 20.94 -2.11
N ALA B 369 18.22 21.42 -1.15
CA ALA B 369 17.34 22.58 -1.38
C ALA B 369 18.19 23.78 -1.82
N GLN B 370 19.34 24.01 -1.19
CA GLN B 370 20.16 25.19 -1.55
C GLN B 370 20.80 24.95 -2.92
N ARG B 371 21.12 23.71 -3.29
CA ARG B 371 21.72 23.44 -4.60
C ARG B 371 20.68 23.71 -5.71
N ILE B 372 19.43 23.31 -5.48
CA ILE B 372 18.31 23.60 -6.42
C ILE B 372 18.25 25.11 -6.65
N ALA B 373 18.23 25.90 -5.58
CA ALA B 373 18.14 27.38 -5.67
C ALA B 373 19.37 27.96 -6.37
N ASP B 374 20.55 27.55 -5.93
CA ASP B 374 21.85 28.06 -6.42
C ASP B 374 21.98 27.79 -7.92
N LEU B 375 21.57 26.63 -8.44
CA LEU B 375 21.78 26.34 -9.88
C LEU B 375 20.52 26.67 -10.69
N GLY B 376 19.54 27.38 -10.14
CA GLY B 376 18.36 27.86 -10.91
C GLY B 376 17.48 26.71 -11.41
N LEU B 377 17.24 25.70 -10.56
CA LEU B 377 16.43 24.50 -10.93
C LEU B 377 15.07 24.58 -10.25
N GLY B 378 14.79 25.70 -9.58
CA GLY B 378 13.63 25.83 -8.69
C GLY B 378 13.94 26.75 -7.53
N VAL B 379 13.13 26.72 -6.47
CA VAL B 379 13.35 27.64 -5.34
C VAL B 379 13.33 26.87 -4.03
N ARG B 380 13.99 27.45 -3.04
CA ARG B 380 13.97 26.90 -1.67
C ARG B 380 12.95 27.70 -0.88
N LEU B 381 12.02 27.03 -0.19
CA LEU B 381 11.06 27.75 0.71
C LEU B 381 11.25 27.18 2.11
N ASN B 382 11.67 27.98 3.10
CA ASN B 382 11.92 27.38 4.45
C ASN B 382 10.66 27.36 5.29
N LEU B 383 10.46 26.31 6.08
CA LEU B 383 9.34 26.22 7.05
C LEU B 383 9.35 27.42 8.02
N HIS B 384 10.53 27.89 8.43
CA HIS B 384 10.62 28.95 9.48
C HIS B 384 9.95 30.25 9.04
N GLU B 385 9.98 30.54 7.74
CA GLU B 385 9.39 31.80 7.21
C GLU B 385 8.26 31.44 6.24
N PHE B 386 7.56 30.33 6.48
CA PHE B 386 6.53 29.87 5.54
C PHE B 386 5.25 30.70 5.68
N SER B 387 4.64 31.01 4.55
CA SER B 387 3.25 31.51 4.49
C SER B 387 2.59 30.99 3.21
N GLY B 388 1.26 30.90 3.21
CA GLY B 388 0.50 30.54 2.00
C GLY B 388 0.81 31.52 0.90
N GLU B 389 0.92 32.81 1.21
CA GLU B 389 1.21 33.79 0.15
C GLU B 389 2.57 33.50 -0.52
N LYS B 390 3.60 33.14 0.25
CA LYS B 390 4.93 32.87 -0.37
C LYS B 390 4.89 31.56 -1.19
N LEU B 391 4.16 30.54 -0.70
CA LEU B 391 4.05 29.25 -1.42
C LEU B 391 3.32 29.48 -2.75
N LEU B 392 2.17 30.16 -2.72
CA LEU B 392 1.38 30.43 -3.94
C LEU B 392 2.22 31.24 -4.93
N LYS B 393 2.99 32.20 -4.45
CA LYS B 393 3.85 33.02 -5.35
C LYS B 393 5.00 32.20 -5.93
N ALA B 394 5.64 31.34 -5.17
CA ALA B 394 6.71 30.44 -5.67
C ALA B 394 6.16 29.54 -6.77
N ILE B 395 4.94 29.02 -6.60
CA ILE B 395 4.28 28.22 -7.66
C ILE B 395 4.17 29.06 -8.92
N GLU B 396 3.56 30.25 -8.87
CA GLU B 396 3.42 31.04 -10.11
C GLU B 396 4.80 31.40 -10.68
N ASP B 397 5.77 31.74 -9.85
CA ASP B 397 7.11 32.16 -10.32
C ASP B 397 7.78 31.01 -11.10
N VAL B 398 7.85 29.84 -10.51
CA VAL B 398 8.55 28.69 -11.14
C VAL B 398 7.79 28.24 -12.40
N LEU B 399 6.46 28.15 -12.38
CA LEU B 399 5.70 27.72 -13.57
C LEU B 399 5.96 28.67 -14.76
N ASN B 400 6.18 29.97 -14.51
CA ASN B 400 6.32 30.97 -15.61
C ASN B 400 7.79 31.38 -15.78
N ASP B 401 8.74 30.71 -15.13
CA ASP B 401 10.16 31.12 -15.25
C ASP B 401 10.82 30.35 -16.39
N GLU B 402 10.98 31.01 -17.53
CA GLU B 402 11.58 30.36 -18.72
C GLU B 402 13.00 29.90 -18.44
N LYS B 403 13.77 30.63 -17.65
CA LYS B 403 15.19 30.29 -17.41
C LYS B 403 15.24 29.00 -16.56
N ILE B 404 14.41 28.93 -15.51
CA ILE B 404 14.41 27.73 -14.64
C ILE B 404 14.03 26.54 -15.51
N ASN B 405 12.98 26.66 -16.31
CA ASN B 405 12.50 25.52 -17.13
C ASN B 405 13.57 25.13 -18.17
N ALA B 406 14.35 26.06 -18.71
CA ALA B 406 15.49 25.78 -19.59
C ALA B 406 16.62 25.06 -18.83
N ASN B 407 16.97 25.52 -17.63
CA ASN B 407 18.05 24.91 -16.80
C ASN B 407 17.64 23.46 -16.51
N VAL B 408 16.38 23.25 -16.15
CA VAL B 408 15.88 21.89 -15.82
C VAL B 408 16.00 20.97 -17.05
N ALA B 409 15.58 21.46 -18.21
CA ALA B 409 15.65 20.71 -19.49
C ALA B 409 17.10 20.33 -19.82
N ARG B 410 18.06 21.25 -19.66
CA ARG B 410 19.51 20.98 -19.86
C ARG B 410 19.98 19.86 -18.91
N VAL B 411 19.61 19.93 -17.63
CA VAL B 411 20.09 18.93 -16.63
C VAL B 411 19.49 17.56 -16.99
N SER B 412 18.21 17.53 -17.34
CA SER B 412 17.48 16.30 -17.69
C SER B 412 18.14 15.60 -18.87
N GLU B 413 18.56 16.40 -19.86
CA GLU B 413 19.25 15.88 -21.06
C GLU B 413 20.60 15.30 -20.64
N GLU B 414 21.33 16.00 -19.78
CA GLU B 414 22.66 15.51 -19.34
C GLU B 414 22.47 14.19 -18.58
N LEU B 415 21.44 14.08 -17.76
CA LEU B 415 21.18 12.85 -16.99
C LEU B 415 20.88 11.72 -17.96
N LYS B 416 20.13 12.01 -19.03
CA LYS B 416 19.75 10.96 -20.01
C LYS B 416 21.00 10.46 -20.74
N LYS B 417 21.98 11.34 -20.95
CA LYS B 417 23.18 10.97 -21.76
C LYS B 417 24.33 10.46 -20.88
N SER B 418 24.17 10.50 -19.55
CA SER B 418 25.26 10.08 -18.62
C SER B 418 25.60 8.61 -18.81
N ASP B 419 26.86 8.22 -18.59
CA ASP B 419 27.23 6.78 -18.64
C ASP B 419 28.52 6.51 -17.87
N SER B 420 28.42 6.24 -16.56
CA SER B 420 29.61 5.86 -15.77
C SER B 420 29.46 4.38 -15.38
N LYS B 421 28.37 3.75 -15.82
CA LYS B 421 28.08 2.35 -15.43
C LYS B 421 29.28 1.44 -15.69
N ASP B 422 29.79 1.39 -16.92
CA ASP B 422 30.87 0.42 -17.24
C ASP B 422 32.04 0.61 -16.28
N LYS B 423 32.48 1.84 -16.09
CA LYS B 423 33.63 2.11 -15.18
C LYS B 423 33.26 1.65 -13.77
N VAL B 424 32.11 2.09 -13.27
CA VAL B 424 31.72 1.77 -11.86
C VAL B 424 31.55 0.26 -11.72
N ILE B 425 30.83 -0.38 -12.64
CA ILE B 425 30.62 -1.86 -12.57
C ILE B 425 31.97 -2.56 -12.68
N SER B 426 32.81 -2.10 -13.61
CA SER B 426 34.15 -2.72 -13.82
C SER B 426 34.98 -2.53 -12.54
N LEU B 427 34.89 -1.35 -11.91
CA LEU B 427 35.62 -1.21 -10.62
C LEU B 427 35.07 -2.19 -9.59
N ILE B 428 33.76 -2.36 -9.49
CA ILE B 428 33.13 -3.29 -8.49
C ILE B 428 33.68 -4.69 -8.80
N GLU B 429 33.59 -5.14 -10.06
CA GLU B 429 34.06 -6.47 -10.50
C GLU B 429 35.55 -6.64 -10.22
N LYS B 430 36.37 -5.62 -10.52
CA LYS B 430 37.84 -5.72 -10.36
C LYS B 430 38.12 -5.87 -8.87
N LEU B 431 37.48 -5.05 -8.03
CA LEU B 431 37.70 -5.10 -6.57
C LEU B 431 37.28 -6.46 -6.01
N ALA B 432 36.14 -6.99 -6.47
CA ALA B 432 35.62 -8.30 -6.02
C ALA B 432 36.63 -9.41 -6.37
N ARG B 433 37.27 -9.35 -7.52
CA ARG B 433 38.15 -10.44 -8.03
C ARG B 433 39.58 -10.30 -7.47
N ASP B 434 40.12 -9.08 -7.44
CA ASP B 434 41.55 -8.83 -7.11
C ASP B 434 41.69 -8.52 -5.61
N LYS B 435 40.63 -8.00 -4.97
CA LYS B 435 40.60 -7.69 -3.52
C LYS B 435 41.40 -6.40 -3.26
N LYS B 436 41.81 -5.73 -4.32
CA LYS B 436 42.55 -4.44 -4.29
C LYS B 436 42.32 -3.74 -5.64
N LEU B 437 42.30 -2.40 -5.67
CA LEU B 437 42.45 -1.60 -6.91
C LEU B 437 43.84 -0.89 -6.91
#